data_3P4J
# 
_entry.id   3P4J 
# 
_audit_conform.dict_name       mmcif_pdbx.dic 
_audit_conform.dict_version    5.379 
_audit_conform.dict_location   http://mmcif.pdb.org/dictionaries/ascii/mmcif_pdbx.dic 
# 
loop_
_database_2.database_id 
_database_2.database_code 
_database_2.pdbx_database_accession 
_database_2.pdbx_DOI 
PDB   3P4J         pdb_00003p4j 10.2210/pdb3p4j/pdb 
NDB   NA0804       ?            ?                   
RCSB  RCSB061946   ?            ?                   
WWPDB D_1000061946 ?            ?                   
# 
loop_
_pdbx_database_related.db_name 
_pdbx_database_related.db_id 
_pdbx_database_related.details 
_pdbx_database_related.content_type 
PDB 1D48 . unspecified 
PDB 1DCG . unspecified 
PDB 2DCG . unspecified 
PDB 1I0T . unspecified 
PDB 1ICK . unspecified 
# 
_pdbx_database_status.entry_id                        3P4J 
_pdbx_database_status.deposit_site                    RCSB 
_pdbx_database_status.process_site                    RCSB 
_pdbx_database_status.recvd_initial_deposition_date   2010-10-06 
_pdbx_database_status.status_code                     REL 
_pdbx_database_status.status_code_sf                  REL 
_pdbx_database_status.status_code_mr                  ? 
_pdbx_database_status.SG_entry                        ? 
_pdbx_database_status.status_code_cs                  ? 
_pdbx_database_status.methods_development_category    ? 
_pdbx_database_status.pdb_format_compatible           Y 
_pdbx_database_status.status_code_nmr_data            ? 
# 
loop_
_audit_author.name 
_audit_author.pdbx_ordinal 
'Brzezinski, K.'    1 
'Brzuszkiewicz, A.' 2 
'Dauter, M.'        3 
'Kubicki, M.'       4 
'Jaskolski, M.'     5 
'Dauter, Z.'        6 
# 
_citation.id                        primary 
_citation.title                     'High regularity of Z-DNA revealed by ultra high-resolution crystal structure at 0.55 A.' 
_citation.journal_abbrev            'Nucleic Acids Res.' 
_citation.journal_volume            39 
_citation.page_first                6238 
_citation.page_last                 6248 
_citation.year                      2011 
_citation.journal_id_ASTM           NARHAD 
_citation.country                   UK 
_citation.journal_id_ISSN           0305-1048 
_citation.journal_id_CSD            0389 
_citation.book_publisher            ? 
_citation.pdbx_database_id_PubMed   21459852 
_citation.pdbx_database_id_DOI      10.1093/nar/gkr202 
# 
loop_
_citation_author.citation_id 
_citation_author.name 
_citation_author.ordinal 
_citation_author.identifier_ORCID 
primary 'Brzezinski, K.'    1 ? 
primary 'Brzuszkiewicz, A.' 2 ? 
primary 'Dauter, M.'        3 ? 
primary 'Kubicki, M.'       4 ? 
primary 'Jaskolski, M.'     5 ? 
primary 'Dauter, Z.'        6 ? 
# 
_cell.entry_id           3P4J 
_cell.length_a           17.880 
_cell.length_b           31.420 
_cell.length_c           43.900 
_cell.angle_alpha        90.00 
_cell.angle_beta         90.00 
_cell.angle_gamma        90.00 
_cell.Z_PDB              8 
_cell.pdbx_unique_axis   ? 
_cell.length_a_esd       ? 
_cell.length_b_esd       ? 
_cell.length_c_esd       ? 
_cell.angle_alpha_esd    ? 
_cell.angle_beta_esd     ? 
_cell.angle_gamma_esd    ? 
# 
_symmetry.entry_id                         3P4J 
_symmetry.space_group_name_H-M             'P 21 21 21' 
_symmetry.pdbx_full_space_group_name_H-M   ? 
_symmetry.cell_setting                     ? 
_symmetry.Int_Tables_number                19 
_symmetry.space_group_name_Hall            ? 
# 
loop_
_entity.id 
_entity.type 
_entity.src_method 
_entity.pdbx_description 
_entity.formula_weight 
_entity.pdbx_number_of_molecules 
_entity.pdbx_ec 
_entity.pdbx_mutation 
_entity.pdbx_fragment 
_entity.details 
1 polymer     syn 
;DNA (5'-D(*CP*GP*CP*GP*CP*G)-3')
;
1810.205 2   ? ? ? ? 
2 non-polymer syn SPERMINE                           202.340  1   ? ? ? ? 
3 water       nat water                              18.015   128 ? ? ? ? 
# 
_entity_poly.entity_id                      1 
_entity_poly.type                           polydeoxyribonucleotide 
_entity_poly.nstd_linkage                   no 
_entity_poly.nstd_monomer                   no 
_entity_poly.pdbx_seq_one_letter_code       '(DC)(DG)(DC)(DG)(DC)(DG)' 
_entity_poly.pdbx_seq_one_letter_code_can   CGCGCG 
_entity_poly.pdbx_strand_id                 A,B 
_entity_poly.pdbx_target_identifier         ? 
# 
loop_
_entity_poly_seq.entity_id 
_entity_poly_seq.num 
_entity_poly_seq.mon_id 
_entity_poly_seq.hetero 
1 1 DC n 
1 2 DG n 
1 3 DC n 
1 4 DG n 
1 5 DC n 
1 6 DG n 
# 
_pdbx_entity_src_syn.entity_id              1 
_pdbx_entity_src_syn.pdbx_src_id            1 
_pdbx_entity_src_syn.pdbx_alt_source_flag   sample 
_pdbx_entity_src_syn.pdbx_beg_seq_num       ? 
_pdbx_entity_src_syn.pdbx_end_seq_num       ? 
_pdbx_entity_src_syn.organism_scientific    ? 
_pdbx_entity_src_syn.organism_common_name   ? 
_pdbx_entity_src_syn.ncbi_taxonomy_id       ? 
_pdbx_entity_src_syn.details                'Synthetic construct' 
# 
_struct_ref.id                         1 
_struct_ref.db_name                    PDB 
_struct_ref.db_code                    3P4J 
_struct_ref.pdbx_db_accession          3P4J 
_struct_ref.entity_id                  1 
_struct_ref.pdbx_align_begin           1 
_struct_ref.pdbx_seq_one_letter_code   CGCGCG 
_struct_ref.pdbx_db_isoform            ? 
# 
loop_
_struct_ref_seq.align_id 
_struct_ref_seq.ref_id 
_struct_ref_seq.pdbx_PDB_id_code 
_struct_ref_seq.pdbx_strand_id 
_struct_ref_seq.seq_align_beg 
_struct_ref_seq.pdbx_seq_align_beg_ins_code 
_struct_ref_seq.seq_align_end 
_struct_ref_seq.pdbx_seq_align_end_ins_code 
_struct_ref_seq.pdbx_db_accession 
_struct_ref_seq.db_align_beg 
_struct_ref_seq.pdbx_db_align_beg_ins_code 
_struct_ref_seq.db_align_end 
_struct_ref_seq.pdbx_db_align_end_ins_code 
_struct_ref_seq.pdbx_auth_seq_align_beg 
_struct_ref_seq.pdbx_auth_seq_align_end 
1 1 3P4J A 1 ? 6 ? 3P4J 1 ? 6  ? 1 6  
2 1 3P4J B 1 ? 6 ? 3P4J 7 ? 12 ? 7 12 
# 
loop_
_chem_comp.id 
_chem_comp.type 
_chem_comp.mon_nstd_flag 
_chem_comp.name 
_chem_comp.pdbx_synonyms 
_chem_comp.formula 
_chem_comp.formula_weight 
DC  'DNA linking' y "2'-DEOXYCYTIDINE-5'-MONOPHOSPHATE"  ? 'C9 H14 N3 O7 P'  307.197 
DG  'DNA linking' y "2'-DEOXYGUANOSINE-5'-MONOPHOSPHATE" ? 'C10 H14 N5 O7 P' 347.221 
HOH non-polymer   . WATER                                ? 'H2 O'            18.015  
SPM non-polymer   . SPERMINE                             ? 'C10 H26 N4'      202.340 
# 
_exptl.entry_id          3P4J 
_exptl.method            'X-RAY DIFFRACTION' 
_exptl.crystals_number   1 
# 
_exptl_crystal.id                    1 
_exptl_crystal.density_meas          ? 
_exptl_crystal.density_Matthews      1.70 
_exptl_crystal.density_percent_sol   27.77 
_exptl_crystal.description           ? 
_exptl_crystal.F_000                 ? 
_exptl_crystal.preparation           ? 
# 
_exptl_crystal_grow.crystal_id      1 
_exptl_crystal_grow.method          ? 
_exptl_crystal_grow.temp            293 
_exptl_crystal_grow.temp_details    ? 
_exptl_crystal_grow.pH              7.0 
_exptl_crystal_grow.pdbx_pH_range   ? 
_exptl_crystal_grow.pdbx_details    
;DNA water solution mixed 1:1 v/v with 10% MPD, 12 mM spermine tetra-HCl, 40 mM HEPES pH 7.0 and equilibrated against 35% MPD, VAPOR DIFFUSION, HANGING DROP, temperature 293K
;
# 
_diffrn.id                     1 
_diffrn.ambient_temp           100 
_diffrn.ambient_temp_details   ? 
_diffrn.crystal_id             1 
# 
_diffrn_detector.diffrn_id              1 
_diffrn_detector.detector               CCD 
_diffrn_detector.type                   'ADSC QUANTUM 315' 
_diffrn_detector.pdbx_collection_date   2010-04-25 
_diffrn_detector.details                'FOCUSING MIRRORS' 
# 
_diffrn_radiation.diffrn_id                        1 
_diffrn_radiation.wavelength_id                    1 
_diffrn_radiation.pdbx_monochromatic_or_laue_m_l   M 
_diffrn_radiation.monochromator                    'SI 111 DOUBLE' 
_diffrn_radiation.pdbx_diffrn_protocol             'SINGLE WAVELENGTH' 
_diffrn_radiation.pdbx_scattering_type             x-ray 
# 
_diffrn_radiation_wavelength.id           1 
_diffrn_radiation_wavelength.wavelength   0.5904 
_diffrn_radiation_wavelength.wt           1.0 
# 
_diffrn_source.diffrn_id                   1 
_diffrn_source.source                      SYNCHROTRON 
_diffrn_source.type                        'APS BEAMLINE 24-ID-C' 
_diffrn_source.pdbx_synchrotron_site       APS 
_diffrn_source.pdbx_synchrotron_beamline   24-ID-C 
_diffrn_source.pdbx_wavelength             0.5904 
_diffrn_source.pdbx_wavelength_list        ? 
# 
_reflns.entry_id                     3P4J 
_reflns.observed_criterion_sigma_I   -3.000 
_reflns.observed_criterion_sigma_F   ? 
_reflns.d_resolution_low             30.000 
_reflns.d_resolution_high            0.550 
_reflns.number_obs                   130650 
_reflns.number_all                   ? 
_reflns.percent_possible_obs         84.5 
_reflns.pdbx_Rmerge_I_obs            0.05700 
_reflns.pdbx_Rsym_value              0.05700 
_reflns.pdbx_netI_over_sigmaI        16.7000 
_reflns.B_iso_Wilson_estimate        2.45 
_reflns.pdbx_redundancy              2.500 
_reflns.R_free_details               ? 
_reflns.pdbx_chi_squared             ? 
_reflns.pdbx_scaling_rejects         ? 
_reflns.pdbx_ordinal                 1 
_reflns.pdbx_diffrn_id               1 
# 
_reflns_shell.d_res_high             0.55 
_reflns_shell.d_res_low              0.57 
_reflns_shell.percent_possible_all   53.0 
_reflns_shell.Rmerge_I_obs           0.27600 
_reflns_shell.pdbx_Rsym_value        ? 
_reflns_shell.meanI_over_sigI_obs    ? 
_reflns_shell.pdbx_redundancy        1.70 
_reflns_shell.percent_possible_obs   ? 
_reflns_shell.number_unique_all      ? 
_reflns_shell.number_measured_all    ? 
_reflns_shell.number_measured_obs    ? 
_reflns_shell.number_unique_obs      ? 
_reflns_shell.pdbx_chi_squared       ? 
_reflns_shell.pdbx_ordinal           1 
_reflns_shell.pdbx_diffrn_id         1 
# 
_refine.pdbx_refine_id                           'X-RAY DIFFRACTION' 
_refine.entry_id                                 3P4J 
_refine.ls_number_reflns_obs                     130650 
_refine.ls_number_reflns_all                     ? 
_refine.pdbx_ls_sigma_I                          ? 
_refine.pdbx_ls_sigma_F                          4.000 
_refine.pdbx_data_cutoff_high_absF               ? 
_refine.pdbx_data_cutoff_low_absF                ? 
_refine.pdbx_data_cutoff_high_rms_absF           ? 
_refine.ls_d_res_low                             30.00 
_refine.ls_d_res_high                            0.55 
_refine.ls_percent_reflns_obs                    84.5 
_refine.ls_R_factor_obs                          0.078 
_refine.ls_R_factor_all                          0.080 
_refine.ls_R_factor_R_work                       0.078 
_refine.ls_R_factor_R_free                       0.085 
_refine.ls_R_factor_R_free_error                 ? 
_refine.ls_R_factor_R_free_error_details         ? 
_refine.ls_percent_reflns_R_free                 ? 
_refine.ls_number_reflns_R_free                  1724 
_refine.ls_number_parameters                     ? 
_refine.ls_number_restraints                     ? 
_refine.occupancy_min                            0.05 
_refine.occupancy_max                            1.00 
_refine.correlation_coeff_Fo_to_Fc               ? 
_refine.correlation_coeff_Fo_to_Fc_free          ? 
_refine.B_iso_mean                               ? 
_refine.aniso_B[1][1]                            ? 
_refine.aniso_B[2][2]                            ? 
_refine.aniso_B[3][3]                            ? 
_refine.aniso_B[1][2]                            ? 
_refine.aniso_B[1][3]                            ? 
_refine.aniso_B[2][3]                            ? 
_refine.solvent_model_details                    ? 
_refine.solvent_model_param_ksol                 ? 
_refine.solvent_model_param_bsol                 ? 
_refine.pdbx_solvent_vdw_probe_radii             ? 
_refine.pdbx_solvent_ion_probe_radii             ? 
_refine.pdbx_solvent_shrinkage_radii             ? 
_refine.pdbx_ls_cross_valid_method               THROUGHOUT 
_refine.details                                  
'USED WEIGHTED FULL MATRIX LEAST SQUARES PROCEDURE AND NON-RESTRAINED ANISOTROPIC REFINEMENT' 
_refine.pdbx_starting_model                      'PDB ENTRY 1ICK' 
_refine.pdbx_method_to_determine_struct          'MOLECULAR REPLACEMENT' 
_refine.pdbx_isotropic_thermal_model             ? 
_refine.pdbx_stereochemistry_target_values       NONE 
_refine.pdbx_stereochem_target_val_spec_case     ? 
_refine.pdbx_R_Free_selection_details            RANDOM 
_refine.pdbx_overall_ESU_R_Free                  ? 
_refine.overall_SU_ML                            ? 
_refine.pdbx_overall_phase_error                 ? 
_refine.overall_SU_B                             ? 
_refine.overall_SU_R_Cruickshank_DPI             ? 
_refine.pdbx_overall_SU_R_free_Cruickshank_DPI   ? 
_refine.pdbx_overall_SU_R_Blow_DPI               ? 
_refine.pdbx_overall_SU_R_free_Blow_DPI          ? 
_refine.ls_redundancy_reflns_obs                 ? 
_refine.pdbx_overall_ESU_R                       ? 
_refine.overall_SU_R_free                        ? 
_refine.ls_wR_factor_R_free                      ? 
_refine.ls_wR_factor_R_work                      ? 
_refine.overall_FOM_free_R_set                   ? 
_refine.overall_FOM_work_R_set                   ? 
_refine.pdbx_diffrn_id                           1 
_refine.pdbx_TLS_residual_ADP_flag               ? 
# 
_refine_hist.pdbx_refine_id                   'X-RAY DIFFRACTION' 
_refine_hist.cycle_id                         LAST 
_refine_hist.pdbx_number_atoms_protein        0 
_refine_hist.pdbx_number_atoms_nucleic_acid   240 
_refine_hist.pdbx_number_atoms_ligand         14 
_refine_hist.number_atoms_solvent             128 
_refine_hist.number_atoms_total               382 
_refine_hist.d_res_high                       0.55 
_refine_hist.d_res_low                        30.00 
# 
_pdbx_refine.pdbx_refine_id                              'X-RAY DIFFRACTION' 
_pdbx_refine.entry_id                                    3P4J 
_pdbx_refine.R_factor_all_no_cutoff                      0.078 
_pdbx_refine.R_factor_obs_no_cutoff                      0.078 
_pdbx_refine.free_R_factor_no_cutoff                     0.085 
_pdbx_refine.free_R_error_no_cutoff                      ? 
_pdbx_refine.free_R_val_test_set_size_perc_no_cutoff     ? 
_pdbx_refine.free_R_val_test_set_ct_no_cutoff            1724 
_pdbx_refine.R_factor_all_4sig_cutoff                    0.067 
_pdbx_refine.R_factor_obs_4sig_cutoff                    0.067 
_pdbx_refine.free_R_factor_4sig_cutoff                   0.075 
_pdbx_refine.free_R_val_test_set_size_perc_4sig_cutoff   ? 
_pdbx_refine.free_R_val_test_set_ct_4sig_cutoff          1470 
_pdbx_refine.number_reflns_obs_4sig_cutoff               112143 
# 
_struct.entry_id                  3P4J 
_struct.title                     'Ultra-high resolution structure of d(CGCGCG)2 Z-DNA' 
_struct.pdbx_model_details        ? 
_struct.pdbx_CASP_flag            ? 
_struct.pdbx_model_type_details   ? 
# 
_struct_keywords.entry_id        3P4J 
_struct_keywords.pdbx_keywords   DNA 
_struct_keywords.text            'Z-DNA, DNA' 
# 
loop_
_struct_asym.id 
_struct_asym.pdbx_blank_PDB_chainid_flag 
_struct_asym.pdbx_modified 
_struct_asym.entity_id 
_struct_asym.details 
A N N 1 ? 
B N N 1 ? 
C N N 2 ? 
D N N 3 ? 
E N N 3 ? 
# 
_struct_biol.id        1 
_struct_biol.details   ? 
# 
loop_
_struct_conn.id 
_struct_conn.conn_type_id 
_struct_conn.pdbx_leaving_atom_flag 
_struct_conn.pdbx_PDB_id 
_struct_conn.ptnr1_label_asym_id 
_struct_conn.ptnr1_label_comp_id 
_struct_conn.ptnr1_label_seq_id 
_struct_conn.ptnr1_label_atom_id 
_struct_conn.pdbx_ptnr1_label_alt_id 
_struct_conn.pdbx_ptnr1_PDB_ins_code 
_struct_conn.pdbx_ptnr1_standard_comp_id 
_struct_conn.ptnr1_symmetry 
_struct_conn.ptnr2_label_asym_id 
_struct_conn.ptnr2_label_comp_id 
_struct_conn.ptnr2_label_seq_id 
_struct_conn.ptnr2_label_atom_id 
_struct_conn.pdbx_ptnr2_label_alt_id 
_struct_conn.pdbx_ptnr2_PDB_ins_code 
_struct_conn.ptnr1_auth_asym_id 
_struct_conn.ptnr1_auth_comp_id 
_struct_conn.ptnr1_auth_seq_id 
_struct_conn.ptnr2_auth_asym_id 
_struct_conn.ptnr2_auth_comp_id 
_struct_conn.ptnr2_auth_seq_id 
_struct_conn.ptnr2_symmetry 
_struct_conn.pdbx_ptnr3_label_atom_id 
_struct_conn.pdbx_ptnr3_label_seq_id 
_struct_conn.pdbx_ptnr3_label_comp_id 
_struct_conn.pdbx_ptnr3_label_asym_id 
_struct_conn.pdbx_ptnr3_label_alt_id 
_struct_conn.pdbx_ptnr3_PDB_ins_code 
_struct_conn.details 
_struct_conn.pdbx_dist_value 
_struct_conn.pdbx_value_order 
_struct_conn.pdbx_role 
hydrog1  hydrog ? ? A DC 1 N3 ? ? ? 1_555 B DG 6 N1 ? ? A DC 1 B DG 12 1_555 ? ? ? ? ? ? WATSON-CRICK ? ? ? 
hydrog2  hydrog ? ? A DC 1 N4 ? ? ? 1_555 B DG 6 O6 ? ? A DC 1 B DG 12 1_555 ? ? ? ? ? ? WATSON-CRICK ? ? ? 
hydrog3  hydrog ? ? A DC 1 O2 ? ? ? 1_555 B DG 6 N2 ? ? A DC 1 B DG 12 1_555 ? ? ? ? ? ? WATSON-CRICK ? ? ? 
hydrog4  hydrog ? ? A DG 2 N1 ? ? ? 1_555 B DC 5 N3 ? ? A DG 2 B DC 11 1_555 ? ? ? ? ? ? WATSON-CRICK ? ? ? 
hydrog5  hydrog ? ? A DG 2 N2 ? ? ? 1_555 B DC 5 O2 ? ? A DG 2 B DC 11 1_555 ? ? ? ? ? ? WATSON-CRICK ? ? ? 
hydrog6  hydrog ? ? A DG 2 O6 ? ? ? 1_555 B DC 5 N4 ? ? A DG 2 B DC 11 1_555 ? ? ? ? ? ? WATSON-CRICK ? ? ? 
hydrog7  hydrog ? ? A DC 3 N3 ? ? ? 1_555 B DG 4 N1 ? ? A DC 3 B DG 10 1_555 ? ? ? ? ? ? WATSON-CRICK ? ? ? 
hydrog8  hydrog ? ? A DC 3 N4 ? ? ? 1_555 B DG 4 O6 ? ? A DC 3 B DG 10 1_555 ? ? ? ? ? ? WATSON-CRICK ? ? ? 
hydrog9  hydrog ? ? A DC 3 O2 ? ? ? 1_555 B DG 4 N2 ? ? A DC 3 B DG 10 1_555 ? ? ? ? ? ? WATSON-CRICK ? ? ? 
hydrog10 hydrog ? ? A DG 4 N1 ? ? ? 1_555 B DC 3 N3 ? ? A DG 4 B DC 9  1_555 ? ? ? ? ? ? WATSON-CRICK ? ? ? 
hydrog11 hydrog ? ? A DG 4 N2 ? ? ? 1_555 B DC 3 O2 ? ? A DG 4 B DC 9  1_555 ? ? ? ? ? ? WATSON-CRICK ? ? ? 
hydrog12 hydrog ? ? A DG 4 O6 ? ? ? 1_555 B DC 3 N4 ? ? A DG 4 B DC 9  1_555 ? ? ? ? ? ? WATSON-CRICK ? ? ? 
hydrog13 hydrog ? ? A DC 5 N3 ? ? ? 1_555 B DG 2 N1 ? ? A DC 5 B DG 8  1_555 ? ? ? ? ? ? WATSON-CRICK ? ? ? 
hydrog14 hydrog ? ? A DC 5 N4 ? ? ? 1_555 B DG 2 O6 ? ? A DC 5 B DG 8  1_555 ? ? ? ? ? ? WATSON-CRICK ? ? ? 
hydrog15 hydrog ? ? A DC 5 O2 ? ? ? 1_555 B DG 2 N2 ? ? A DC 5 B DG 8  1_555 ? ? ? ? ? ? WATSON-CRICK ? ? ? 
hydrog16 hydrog ? ? A DG 6 N1 ? ? ? 1_555 B DC 1 N3 ? ? A DG 6 B DC 7  1_555 ? ? ? ? ? ? WATSON-CRICK ? ? ? 
hydrog17 hydrog ? ? A DG 6 N2 ? ? ? 1_555 B DC 1 O2 ? ? A DG 6 B DC 7  1_555 ? ? ? ? ? ? WATSON-CRICK ? ? ? 
hydrog18 hydrog ? ? A DG 6 O6 ? ? ? 1_555 B DC 1 N4 ? ? A DG 6 B DC 7  1_555 ? ? ? ? ? ? WATSON-CRICK ? ? ? 
# 
_struct_conn_type.id          hydrog 
_struct_conn_type.criteria    ? 
_struct_conn_type.reference   ? 
# 
_struct_site.id                   AC1 
_struct_site.pdbx_evidence_code   Software 
_struct_site.pdbx_auth_asym_id    A 
_struct_site.pdbx_auth_comp_id    SPM 
_struct_site.pdbx_auth_seq_id     20 
_struct_site.pdbx_auth_ins_code   ? 
_struct_site.pdbx_num_residues    22 
_struct_site.details              'BINDING SITE FOR RESIDUE SPM A 20' 
# 
loop_
_struct_site_gen.id 
_struct_site_gen.site_id 
_struct_site_gen.pdbx_num_res 
_struct_site_gen.label_comp_id 
_struct_site_gen.label_asym_id 
_struct_site_gen.label_seq_id 
_struct_site_gen.pdbx_auth_ins_code 
_struct_site_gen.auth_comp_id 
_struct_site_gen.auth_asym_id 
_struct_site_gen.auth_seq_id 
_struct_site_gen.label_atom_id 
_struct_site_gen.label_alt_id 
_struct_site_gen.symmetry 
_struct_site_gen.details 
1  AC1 22 DG  A 2 ? DG  A 2   . ? 4_456 ? 
2  AC1 22 DG  A 4 ? DG  A 4   . ? 1_555 ? 
3  AC1 22 DG  A 4 ? DG  A 4   . ? 3_746 ? 
4  AC1 22 DC  A 5 ? DC  A 5   . ? 1_555 ? 
5  AC1 22 DG  A 6 ? DG  A 6   . ? 1_555 ? 
6  AC1 22 HOH D . ? HOH A 137 . ? 3_746 ? 
7  AC1 22 HOH D . ? HOH A 148 . ? 3_646 ? 
8  AC1 22 HOH D . ? HOH A 152 . ? 3_646 ? 
9  AC1 22 HOH D . ? HOH A 153 . ? 3_646 ? 
10 AC1 22 HOH D . ? HOH A 167 . ? 1_555 ? 
11 AC1 22 HOH D . ? HOH A 171 . ? 3_746 ? 
12 AC1 22 HOH D . ? HOH A 179 . ? 1_555 ? 
13 AC1 22 HOH D . ? HOH A 185 . ? 3_646 ? 
14 AC1 22 HOH D . ? HOH A 186 . ? 1_555 ? 
15 AC1 22 DC  B 1 ? DC  B 7   . ? 3_746 ? 
16 AC1 22 DG  B 2 ? DG  B 8   . ? 3_746 ? 
17 AC1 22 DC  B 3 ? DC  B 9   . ? 3_646 ? 
18 AC1 22 HOH E . ? HOH B 110 . ? 3_646 ? 
19 AC1 22 HOH E . ? HOH B 114 . ? 3_646 ? 
20 AC1 22 HOH E . ? HOH B 155 . ? 3_646 ? 
21 AC1 22 HOH E . ? HOH B 172 . ? 3_646 ? 
22 AC1 22 HOH E . ? HOH B 234 . ? 3_646 ? 
# 
_atom_sites.entry_id                    3P4J 
_atom_sites.fract_transf_matrix[1][1]   -0.00942295 
_atom_sites.fract_transf_matrix[1][2]   0.05507835 
_atom_sites.fract_transf_matrix[1][3]   0.00235034 
_atom_sites.fract_transf_matrix[2][1]   0.02330147 
_atom_sites.fract_transf_matrix[2][2]   0.00488778 
_atom_sites.fract_transf_matrix[2][3]   -0.02112130 
_atom_sites.fract_transf_matrix[3][1]   -0.01503415 
_atom_sites.fract_transf_matrix[3][2]   -0.00184608 
_atom_sites.fract_transf_matrix[3][3]   -0.01701321 
_atom_sites.fract_transf_vector[1]      0.750042 
_atom_sites.fract_transf_vector[2]      0.484296 
_atom_sites.fract_transf_vector[3]      0.644145 
# 
loop_
_atom_type.symbol 
C 
N 
O 
P 
# 
loop_
_atom_site.group_PDB 
_atom_site.id 
_atom_site.type_symbol 
_atom_site.label_atom_id 
_atom_site.label_alt_id 
_atom_site.label_comp_id 
_atom_site.label_asym_id 
_atom_site.label_entity_id 
_atom_site.label_seq_id 
_atom_site.pdbx_PDB_ins_code 
_atom_site.Cartn_x 
_atom_site.Cartn_y 
_atom_site.Cartn_z 
_atom_site.occupancy 
_atom_site.B_iso_or_equiv 
_atom_site.pdbx_formal_charge 
_atom_site.auth_seq_id 
_atom_site.auth_comp_id 
_atom_site.auth_asym_id 
_atom_site.auth_atom_id 
_atom_site.pdbx_PDB_model_num 
ATOM   1   O "O5'" . DC  A 1 1 ? 7.942   7.329  6.059   1.00 3.07  ? 1   DC  A "O5'" 1 
ATOM   2   C "C5'" . DC  A 1 1 ? 6.522   7.315  6.021   1.00 2.46  ? 1   DC  A "C5'" 1 
ATOM   3   C "C4'" . DC  A 1 1 ? 5.929   6.015  6.529   1.00 2.19  ? 1   DC  A "C4'" 1 
ATOM   4   O "O4'" . DC  A 1 1 ? 6.299   4.951  5.631   1.00 2.62  ? 1   DC  A "O4'" 1 
ATOM   5   C "C3'" . DC  A 1 1 ? 6.410   5.582  7.927   1.00 2.26  ? 1   DC  A "C3'" 1 
ATOM   6   O "O3'" . DC  A 1 1 ? 5.341   4.982  8.669   1.00 2.47  ? 1   DC  A "O3'" 1 
ATOM   7   C "C2'" . DC  A 1 1 ? 7.427   4.494  7.628   1.00 2.41  ? 1   DC  A "C2'" 1 
ATOM   8   C "C1'" . DC  A 1 1 ? 6.864   3.878  6.349   1.00 2.34  ? 1   DC  A "C1'" 1 
ATOM   9   N N1    . DC  A 1 1 ? 7.883   3.252  5.500   1.00 2.30  ? 1   DC  A N1    1 
ATOM   10  C C2    . DC  A 1 1 ? 8.168   1.901  5.678   1.00 2.34  ? 1   DC  A C2    1 
ATOM   11  O O2    . DC  A 1 1 ? 7.524   1.259  6.536   1.00 3.07  ? 1   DC  A O2    1 
ATOM   12  N N3    . DC  A 1 1 ? 9.134   1.326  4.938   1.00 2.35  ? 1   DC  A N3    1 
ATOM   13  C C4    . DC  A 1 1 ? 9.821   2.048  4.042   1.00 2.37  ? 1   DC  A C4    1 
ATOM   14  N N4    . DC  A 1 1 ? 10.756  1.445  3.323   1.00 2.79  ? 1   DC  A N4    1 
ATOM   15  C C5    . DC  A 1 1 ? 9.560   3.447  3.852   1.00 2.71  ? 1   DC  A C5    1 
ATOM   16  C C6    . DC  A 1 1 ? 8.589   4.006  4.610   1.00 2.68  ? 1   DC  A C6    1 
ATOM   17  P P     . DG  A 1 2 ? 4.415   5.841  9.649   1.00 2.51  ? 2   DG  A P     1 
ATOM   18  O OP1   . DG  A 1 2 ? 5.179   6.920  10.344  1.00 3.24  ? 2   DG  A OP1   1 
ATOM   19  O OP2   . DG  A 1 2 ? 3.697   4.821  10.478  1.00 3.25  ? 2   DG  A OP2   1 
ATOM   20  O "O5'" . DG  A 1 2 ? 3.390   6.614  8.706   1.00 2.66  ? 2   DG  A "O5'" 1 
ATOM   21  C "C5'" . DG  A 1 2 ? 2.499   5.872  7.858   1.00 2.85  ? 2   DG  A "C5'" 1 
ATOM   22  C "C4'" . DG  A 1 2 ? 1.859   6.856  6.909   1.00 2.73  ? 2   DG  A "C4'" 1 
ATOM   23  O "O4'" . DG  A 1 2 ? 2.866   7.474  6.124   1.00 2.76  ? 2   DG  A "O4'" 1 
ATOM   24  C "C3'" . DG  A 1 2 ? 0.915   6.187  5.917   1.00 2.85  ? 2   DG  A "C3'" 1 
ATOM   25  O "O3'" . DG  A 1 2 ? -0.422  6.152  6.464   1.00 3.51  ? 2   DG  A "O3'" 1 
ATOM   26  C "C2'" . DG  A 1 2 ? 1.004   7.098  4.705   1.00 3.30  ? 2   DG  A "C2'" 1 
ATOM   27  C "C1'" . DG  A 1 2 ? 2.390   7.741  4.809   1.00 2.85  ? 2   DG  A "C1'" 1 
ATOM   28  N N9    . DG  A 1 2 ? 3.368   7.244  3.877   1.00 2.76  ? 2   DG  A N9    1 
ATOM   29  C C8    . DG  A 1 2 ? 4.112   8.021  3.026   1.00 3.56  ? 2   DG  A C8    1 
ATOM   30  N N7    . DG  A 1 2 ? 4.997   7.347  2.354   1.00 3.75  ? 2   DG  A N7    1 
ATOM   31  C C5    . DG  A 1 2 ? 4.844   6.038  2.788   1.00 2.68  ? 2   DG  A C5    1 
ATOM   32  C C6    . DG  A 1 2 ? 5.546   4.854  2.446   1.00 2.62  ? 2   DG  A C6    1 
ATOM   33  O O6    . DG  A 1 2 ? 6.493   4.753  1.640   1.00 3.52  ? 2   DG  A O6    1 
ATOM   34  N N1    . DG  A 1 2 ? 5.062   3.739  3.107   1.00 2.19  ? 2   DG  A N1    1 
ATOM   35  C C2    . DG  A 1 2 ? 4.066   3.771  4.051   1.00 1.99  ? 2   DG  A C2    1 
ATOM   36  N N2    . DG  A 1 2 ? 3.770   2.609  4.646   1.00 2.48  ? 2   DG  A N2    1 
ATOM   37  N N3    . DG  A 1 2 ? 3.399   4.865  4.397   1.00 2.10  ? 2   DG  A N3    1 
ATOM   38  C C4    . DG  A 1 2 ? 3.838   5.952  3.729   1.00 2.26  ? 2   DG  A C4    1 
ATOM   39  P P     . DC  A 1 3 ? -1.176  4.780  6.698   1.00 3.54  ? 3   DC  A P     1 
ATOM   40  O OP1   . DC  A 1 3 ? -2.470  5.129  7.356   1.00 5.42  ? 3   DC  A OP1   1 
ATOM   41  O OP2   . DC  A 1 3 ? -0.303  3.812  7.381   1.00 5.19  ? 3   DC  A OP2   1 
ATOM   42  O "O5'" . DC  A 1 3 ? -1.416  4.332  5.173   1.00 3.68  ? 3   DC  A "O5'" 1 
ATOM   43  C "C5'" . DC  A 1 3 ? -2.580  3.569  4.803   1.00 3.12  ? 3   DC  A "C5'" 1 
ATOM   44  C "C4'" . DC  A 1 3 ? -2.187  2.255  4.173   1.00 2.67  ? 3   DC  A "C4'" 1 
ATOM   45  O "O4'" . DC  A 1 3 ? -1.508  2.513  2.925   1.00 2.93  ? 3   DC  A "O4'" 1 
ATOM   46  C "C3'" . DC  A 1 3 ? -1.248  1.369  4.983   1.00 2.83  ? 3   DC  A "C3'" 1 
ATOM   47  O "O3'" . DC  A 1 3 ? -1.528  -0.012 4.709   1.00 3.13  ? 3   DC  A "O3'" 1 
ATOM   48  C "C2'" . DC  A 1 3 ? 0.112   1.657  4.374   1.00 3.07  ? 3   DC  A "C2'" 1 
ATOM   49  C "C1'" . DC  A 1 3 ? -0.273  1.828  2.909   1.00 2.64  ? 3   DC  A "C1'" 1 
ATOM   50  N N1    . DC  A 1 3 ? 0.679   2.633  2.143   1.00 2.59  ? 3   DC  A N1    1 
ATOM   51  C C2    . DC  A 1 3 ? 1.747   1.975  1.529   1.00 2.60  ? 3   DC  A C2    1 
ATOM   52  O O2    . DC  A 1 3 ? 1.860   0.737  1.682   1.00 3.08  ? 3   DC  A O2    1 
ATOM   53  N N3    . DC  A 1 3 ? 2.624   2.696  0.807   1.00 2.61  ? 3   DC  A N3    1 
ATOM   54  C C4    . DC  A 1 3 ? 2.493   4.027  0.718   1.00 2.65  ? 3   DC  A C4    1 
ATOM   55  N N4    . DC  A 1 3 ? 3.383   4.695  -0.012  1.00 3.18  ? 3   DC  A N4    1 
ATOM   56  C C5    . DC  A 1 3 ? 1.437   4.726  1.390   1.00 3.00  ? 3   DC  A C5    1 
ATOM   57  C C6    . DC  A 1 3 ? 0.561   3.987  2.087   1.00 2.98  ? 3   DC  A C6    1 
ATOM   58  P P     . DG  A 1 4 ? -2.429  -0.901 5.664   1.00 3.54  ? 4   DG  A P     1 
ATOM   59  O OP1   . DG  A 1 4 ? -2.131  -0.628 7.093   1.00 4.87  ? 4   DG  A OP1   1 
ATOM   60  O OP2   . DG  A 1 4 ? -2.293  -2.288 5.117   1.00 5.74  ? 4   DG  A OP2   1 
ATOM   61  O "O5'" . DG  A 1 4 ? -3.932  -0.376 5.465   1.00 3.14  ? 4   DG  A "O5'" 1 
ATOM   62  C "C5'" . DG  A 1 4 ? -4.580  -0.622 4.203   1.00 2.65  ? 4   DG  A "C5'" 1 
ATOM   63  C "C4'" . DG  A 1 4 ? -5.866  0.163  4.174   1.00 2.58  ? 4   DG  A "C4'" 1 
ATOM   64  O "O4'" . DG  A 1 4 ? -5.553  1.569  4.246   1.00 2.84  ? 4   DG  A "O4'" 1 
ATOM   65  C "C3'" . DG  A 1 4 ? -6.653  -0.029 2.878   1.00 2.36  ? 4   DG  A "C3'" 1 
ATOM   66  O "O3'" . DG  A 1 4 ? -7.564  -1.110 3.116   1.00 2.52  ? 4   DG  A "O3'" 1 
ATOM   67  C "C2'" . DG  A 1 4 ? -7.322  1.323  2.664   1.00 3.11  ? 4   DG  A "C2'" 1 
ATOM   68  C "C1'" . DG  A 1 4 ? -6.436  2.323  3.408   1.00 2.96  ? 4   DG  A "C1'" 1 
ATOM   69  N N9    . DG  A 1 4 ? -5.622  3.185  2.574   1.00 2.78  ? 4   DG  A N9    1 
ATOM   70  C C8    . DG  A 1 4 ? -5.688  4.567  2.581   1.00 3.34  ? 4   DG  A C8    1 
ATOM   71  N N7    . DG  A 1 4 ? -4.805  5.131  1.802   1.00 3.16  ? 4   DG  A N7    1 
ATOM   72  C C5    . DG  A 1 4 ? -4.104  4.054  1.257   1.00 2.59  ? 4   DG  A C5    1 
ATOM   73  C C6    . DG  A 1 4 ? -2.989  4.043  0.387   1.00 2.55  ? 4   DG  A C6    1 
ATOM   74  O O6    . DG  A 1 4 ? -2.383  5.033  -0.071  1.00 3.35  ? 4   DG  A O6    1 
ATOM   75  N N1    . DG  A 1 4 ? -2.572  2.760  0.077   1.00 2.27  ? 4   DG  A N1    1 
ATOM   76  C C2    . DG  A 1 4 ? -3.111  1.616  0.618   1.00 2.08  ? 4   DG  A C2    1 
ATOM   77  N N2    . DG  A 1 4 ? -2.530  0.460  0.254   1.00 2.52  ? 4   DG  A N2    1 
ATOM   78  N N3    . DG  A 1 4 ? -4.154  1.603  1.438   1.00 2.25  ? 4   DG  A N3    1 
ATOM   79  C C4    . DG  A 1 4 ? -4.595  2.846  1.721   1.00 2.35  ? 4   DG  A C4    1 
ATOM   80  P P     . DC  A 1 5 ? -8.545  -1.663 1.983   1.00 2.44  ? 5   DC  A P     1 
ATOM   81  O OP1   . DC  A 1 5 ? -9.314  -0.569 1.342   1.00 4.25  ? 5   DC  A OP1   1 
ATOM   82  O OP2   . DC  A 1 5 ? -9.298  -2.774 2.637   1.00 3.94  ? 5   DC  A OP2   1 
ATOM   83  O "O5'" . DC  A 1 5 ? -7.472  -2.259 0.955   1.00 2.05  ? 5   DC  A "O5'" 1 
ATOM   84  C "C5'" . DC  A 1 5 ? -7.951  -3.098 -0.103  1.00 1.92  ? 5   DC  A "C5'" 1 
ATOM   85  C "C4'" . DC  A 1 5 ? -6.854  -3.289 -1.123  1.00 1.71  ? 5   DC  A "C4'" 1 
ATOM   86  O "O4'" . DC  A 1 5 ? -6.720  -2.090 -1.899  1.00 1.90  ? 5   DC  A "O4'" 1 
ATOM   87  C "C3'" . DC  A 1 5 ? -5.470  -3.578 -0.515  1.00 1.69  ? 5   DC  A "C3'" 1 
ATOM   88  O "O3'" . DC  A 1 5 ? -4.751  -4.530 -1.323  1.00 1.88  ? 5   DC  A "O3'" 1 
ATOM   89  C "C2'" . DC  A 1 5 ? -4.754  -2.238 -0.629  1.00 1.72  ? 5   DC  A "C2'" 1 
ATOM   90  C "C1'" . DC  A 1 5 ? -5.374  -1.632 -1.883  1.00 1.68  ? 5   DC  A "C1'" 1 
ATOM   91  N N1    . DC  A 1 5 ? -5.419  -0.163 -1.882  1.00 1.69  ? 5   DC  A N1    1 
ATOM   92  C C2    . DC  A 1 5 ? -4.462  0.562  -2.586  1.00 1.68  ? 5   DC  A C2    1 
ATOM   93  O O2    . DC  A 1 5 ? -3.570  -0.047 -3.210  1.00 2.17  ? 5   DC  A O2    1 
ATOM   94  N N3    . DC  A 1 5 ? -4.518  1.912  -2.575  1.00 1.77  ? 5   DC  A N3    1 
ATOM   95  C C4    . DC  A 1 5 ? -5.483  2.544  -1.884  1.00 1.85  ? 5   DC  A C4    1 
ATOM   96  N N4    . DC  A 1 5 ? -5.501  3.871  -1.888  1.00 2.33  ? 5   DC  A N4    1 
ATOM   97  C C5    . DC  A 1 5 ? -6.474  1.817  -1.150  1.00 2.21  ? 5   DC  A C5    1 
ATOM   98  C C6    . DC  A 1 5 ? -6.402  0.469  -1.174  1.00 2.03  ? 5   DC  A C6    1 
ATOM   99  P P     . DG  A 1 6 ? -4.794  -6.094 -0.983  1.00 1.82  ? 6   DG  A P     1 
ATOM   100 O OP1   . DG  A 1 6 ? -4.728  -6.314 0.495   1.00 2.38  ? 6   DG  A OP1   1 
ATOM   101 O OP2   . DG  A 1 6 ? -3.736  -6.689 -1.860  1.00 2.42  ? 6   DG  A OP2   1 
ATOM   102 O "O5'" . DG  A 1 6 ? -6.240  -6.593 -1.414  1.00 2.15  ? 6   DG  A "O5'" 1 
ATOM   103 C "C5'" . DG  A 1 6 ? -6.574  -6.781 -2.803  1.00 2.30  ? 6   DG  A "C5'" 1 
ATOM   104 C "C4'" . DG  A 1 6 ? -8.018  -7.241 -2.832  1.00 2.31  ? 6   DG  A "C4'" 1 
ATOM   105 O "O4'" . DG  A 1 6 ? -8.852  -6.169 -2.339  1.00 2.65  ? 6   DG  A "O4'" 1 
ATOM   106 C "C3'" . DG  A 1 6 ? -8.531  -7.581 -4.242  1.00 2.69  ? 6   DG  A "C3'" 1 
ATOM   107 O "O3'" . DG  A 1 6 ? -9.489  -8.632 -4.184  1.00 3.48  ? 6   DG  A "O3'" 1 
ATOM   108 C "C2'" . DG  A 1 6 ? -9.239  -6.295 -4.660  1.00 2.73  ? 6   DG  A "C2'" 1 
ATOM   109 C "C1'" . DG  A 1 6 ? -9.797  -5.780 -3.339  1.00 2.47  ? 6   DG  A "C1'" 1 
ATOM   110 N N9    . DG  A 1 6 ? -9.960  -4.339 -3.263  1.00 2.43  ? 6   DG  A N9    1 
ATOM   111 C C8    . DG  A 1 6 ? -10.975 -3.712 -2.573  1.00 2.90  ? 6   DG  A C8    1 
ATOM   112 N N7    . DG  A 1 6 ? -10.874 -2.402 -2.573  1.00 2.91  ? 6   DG  A N7    1 
ATOM   113 C C5    . DG  A 1 6 ? -9.727  -2.163 -3.296  1.00 2.29  ? 6   DG  A C5    1 
ATOM   114 C C6    . DG  A 1 6 ? -9.114  -0.930 -3.640  1.00 2.28  ? 6   DG  A C6    1 
ATOM   115 O O6    . DG  A 1 6 ? -9.500  0.208  -3.303  1.00 2.97  ? 6   DG  A O6    1 
ATOM   116 N N1    . DG  A 1 6 ? -7.982  -1.093 -4.417  1.00 2.12  ? 6   DG  A N1    1 
ATOM   117 C C2    . DG  A 1 6 ? -7.428  -2.314 -4.724  1.00 1.94  ? 6   DG  A C2    1 
ATOM   118 N N2    . DG  A 1 6 ? -6.251  -2.297 -5.363  1.00 2.42  ? 6   DG  A N2    1 
ATOM   119 N N3    . DG  A 1 6 ? -7.984  -3.483 -4.416  1.00 2.02  ? 6   DG  A N3    1 
ATOM   120 C C4    . DG  A 1 6 ? -9.130  -3.339 -3.724  1.00 2.05  ? 6   DG  A C4    1 
ATOM   121 O "O5'" . DC  B 1 1 ? -4.332  5.817  -8.479  1.00 3.56  ? 7   DC  B "O5'" 1 
ATOM   122 C "C5'" . DC  B 1 1 ? -2.951  5.527  -8.453  1.00 2.85  ? 7   DC  B "C5'" 1 
ATOM   123 C "C4'" . DC  B 1 1 ? -2.649  4.038  -8.437  1.00 2.12  ? 7   DC  B "C4'" 1 
ATOM   124 O "O4'" . DC  B 1 1 ? -3.141  3.469  -7.209  1.00 2.30  ? 7   DC  B "O4'" 1 
ATOM   125 C "C3'" . DC  B 1 1 ? -3.291  3.214  -9.566  1.00 2.18  ? 7   DC  B "C3'" 1 
ATOM   126 O "O3'" . DC  B 1 1 ? -2.451  2.093  -9.931  1.00 2.20  ? 7   DC  B "O3'" 1 
ATOM   127 C "C2'" . DC  B 1 1 ? -4.534  2.631  -8.907  1.00 2.27  ? 7   DC  B "C2'" 1 
ATOM   128 C "C1'" . DC  B 1 1 ? -4.047  2.421  -7.472  1.00 2.00  ? 7   DC  B "C1'" 1 
ATOM   129 N N1    . DC  B 1 1 ? -5.119  2.508  -6.476  1.00 1.95  ? 7   DC  B N1    1 
ATOM   130 C C2    . DC  B 1 1 ? -5.703  1.341  -5.993  1.00 1.88  ? 7   DC  B C2    1 
ATOM   131 O O2    . DC  B 1 1 ? -5.272  0.230  -6.373  1.00 2.35  ? 7   DC  B O2    1 
ATOM   132 N N3    . DC  B 1 1 ? -6.737  1.434  -5.127  1.00 1.99  ? 7   DC  B N3    1 
ATOM   133 C C4    . DC  B 1 1 ? -7.183  2.639  -4.738  1.00 2.07  ? 7   DC  B C4    1 
ATOM   134 N N4    . DC  B 1 1 ? -8.231  2.687  -3.926  1.00 2.56  ? 7   DC  B N4    1 
ATOM   135 C C5    . DC  B 1 1 ? -6.575  3.851  -5.192  1.00 2.38  ? 7   DC  B C5    1 
ATOM   136 C C6    . DC  B 1 1 ? -5.565  3.736  -6.071  1.00 2.28  ? 7   DC  B C6    1 
ATOM   137 P P     . DG  B 1 2 ? -1.300  2.209  -11.027 1.00 2.17  ? 8   DG  B P     1 
ATOM   138 O OP1   . DG  B 1 2 ? -1.728  3.030  -12.205 1.00 3.01  ? 8   DG  B OP1   1 
ATOM   139 O OP2   . DG  B 1 2 ? -0.855  0.800  -11.273 1.00 2.93  ? 8   DG  B OP2   1 
ATOM   140 O "O5'" . DG  B 1 2 ? -0.133  3.041  -10.324 1.00 2.04  ? 8   DG  B "O5'" 1 
ATOM   141 C "C5'" . DG  B 1 2 ? 0.483   2.494  -9.135  1.00 1.99  ? 8   DG  B "C5'" 1 
ATOM   142 C "C4'" . DG  B 1 2 ? 1.412   3.528  -8.556  1.00 1.95  ? 8   DG  B "C4'" 1 
ATOM   143 O "O4'" . DG  B 1 2 ? 0.660   4.699  -8.221  1.00 2.13  ? 8   DG  B "O4'" 1 
ATOM   144 C "C3'" . DG  B 1 2 ? 2.055   3.065  -7.246  1.00 1.98  ? 8   DG  B "C3'" 1 
ATOM   145 O "O3'" . DG  B 1 2 ? 3.312   2.447  -7.522  1.00 2.37  ? 8   DG  B "O3'" 1 
ATOM   146 C "C2'" . DG  B 1 2 ? 2.239   4.363  -6.477  1.00 2.35  ? 8   DG  B "C2'" 1 
ATOM   147 C "C1'" . DG  B 1 2 ? 1.190   5.309  -7.044  1.00 2.06  ? 8   DG  B "C1'" 1 
ATOM   148 N N9    . DG  B 1 2 ? 0.080   5.585  -6.159  1.00 2.14  ? 8   DG  B N9    1 
ATOM   149 C C8    . DG  B 1 2 ? -0.441  6.837  -5.902  1.00 2.69  ? 8   DG  B C8    1 
ATOM   150 N N7    . DG  B 1 2 ? -1.508  6.802  -5.129  1.00 3.06  ? 8   DG  B N7    1 
ATOM   151 C C5    . DG  B 1 2 ? -1.693  5.446  -4.864  1.00 2.26  ? 8   DG  B C5    1 
ATOM   152 C C6    . DG  B 1 2 ? -2.682  4.786  -4.088  1.00 2.32  ? 8   DG  B C6    1 
ATOM   153 O O6    . DG  B 1 2 ? -3.616  5.307  -3.452  1.00 3.39  ? 8   DG  B O6    1 
ATOM   154 N N1    . DG  B 1 2 ? -2.511  3.404  -4.096  1.00 1.90  ? 8   DG  B N1    1 
ATOM   155 C C2    . DG  B 1 2 ? -1.545  2.736  -4.812  1.00 1.73  ? 8   DG  B C2    1 
ATOM   156 N N2    . DG  B 1 2 ? -1.588  1.396  -4.780  1.00 2.06  ? 8   DG  B N2    1 
ATOM   157 N N3    . DG  B 1 2 ? -0.597  3.343  -5.519  1.00 1.81  ? 8   DG  B N3    1 
ATOM   158 C C4    . DG  B 1 2 ? -0.731  4.683  -5.500  1.00 1.92  ? 8   DG  B C4    1 
ATOM   159 P P     . DC  B 1 3 ? 3.542   0.889  -7.322  1.00 1.85  ? 9   DC  B P     1 
ATOM   160 O OP1   . DC  B 1 3 ? 4.826   0.574  -8.012  1.00 2.31  ? 9   DC  B OP1   1 
ATOM   161 O OP2   . DC  B 1 3 ? 2.336   0.116  -7.743  1.00 2.54  ? 9   DC  B OP2   1 
ATOM   162 O "O5'" . DC  B 1 3 ? 3.706   0.800  -5.739  1.00 3.07  ? 9   DC  B "O5'" 1 
ATOM   163 C "C5'" . DC  B 1 3 ? 4.631   -0.096 -5.110  1.00 2.32  ? 9   DC  B "C5'" 1 
ATOM   164 C "C4'" . DC  B 1 3 ? 3.946   -0.847 -3.994  1.00 2.18  ? 9   DC  B "C4'" 1 
ATOM   165 O "O4'" . DC  B 1 3 ? 3.532   0.080  -2.968  1.00 2.74  ? 9   DC  B "O4'" 1 
ATOM   166 C "C3'" . DC  B 1 3 ? 2.696   -1.628 -4.408  1.00 2.36  ? 9   DC  B "C3'" 1 
ATOM   167 O "O3'" . DC  B 1 3 ? 2.576   -2.828 -3.620  1.00 2.87  ? 9   DC  B "O3'" 1 
ATOM   168 C "C2'" . DC  B 1 3 ? 1.566   -0.697 -3.980  1.00 2.78  ? 9   DC  B "C2'" 1 
ATOM   169 C "C1'" . DC  B 1 3 ? 2.140   -0.047 -2.724  1.00 2.47  ? 9   DC  B "C1'" 1 
ATOM   170 N N1    . DC  B 1 3 ? 1.605   1.292  -2.458  1.00 2.49  ? 9   DC  B N1    1 
ATOM   171 C C2    . DC  B 1 3 ? 0.439   1.404  -1.703  1.00 2.51  ? 9   DC  B C2    1 
ATOM   172 O O2    . DC  B 1 3 ? -0.079  0.373  -1.242  1.00 2.94  ? 9   DC  B O2    1 
ATOM   173 N N3    . DC  B 1 3 ? -0.101  2.625  -1.481  1.00 2.57  ? 9   DC  B N3    1 
ATOM   174 C C4    . DC  B 1 3 ? 0.474   3.716  -2.006  1.00 2.78  ? 9   DC  B C4    1 
ATOM   175 N N4    . DC  B 1 3 ? -0.094  4.893  -1.784  1.00 3.28  ? 9   DC  B N4    1 
ATOM   176 C C5    . DC  B 1 3 ? 1.671   3.625  -2.784  1.00 3.21  ? 9   DC  B C5    1 
ATOM   177 C C6    . DC  B 1 3 ? 2.189   2.408  -2.999  1.00 3.11  ? 9   DC  B C6    1 
ATOM   178 P P     . DG  B 1 4 ? 3.201   -4.209 -4.098  1.00 3.04  ? 10  DG  B P     1 
ATOM   179 O OP1   . DG  B 1 4 ? 3.010   -4.401 -5.561  1.00 3.50  ? 10  DG  B OP1   1 
ATOM   180 O OP2   . DG  B 1 4 ? 2.618   -5.221 -3.157  1.00 4.91  ? 10  DG  B OP2   1 
ATOM   181 O "O5'" . DG  B 1 4 ? 4.780   -4.072 -3.887  1.00 2.82  ? 10  DG  B "O5'" 1 
ATOM   182 C "C5'" . DG  B 1 4 ? 5.268   -3.937 -2.535  1.00 2.71  ? 10  DG  B "C5'" 1 
ATOM   183 C "C4'" . DG  B 1 4 ? 6.760   -3.813 -2.587  1.00 2.38  ? 10  DG  B "C4'" 1 
ATOM   184 O "O4'" . DG  B 1 4 ? 7.120   -2.640 -3.325  1.00 2.69  ? 10  DG  B "O4'" 1 
ATOM   185 C "C3'" . DG  B 1 4 ? 7.361   -3.660 -1.187  1.00 2.60  ? 10  DG  B "C3'" 1 
ATOM   186 O "O3'" . DG  B 1 4 ? 7.847   -4.929 -0.725  1.00 3.06  ? 10  DG  B "O3'" 1 
ATOM   187 C "C2'" . DG  B 1 4 ? 8.524   -2.691 -1.411  1.00 3.31  ? 10  DG  B "C2'" 1 
ATOM   188 C "C1'" . DG  B 1 4 ? 8.167   -1.926 -2.676  1.00 2.74  ? 10  DG  B "C1'" 1 
ATOM   189 N N9    . DG  B 1 4 ? 7.720   -0.556 -2.461  1.00 2.56  ? 10  DG  B N9    1 
ATOM   190 C C8    . DG  B 1 4 ? 8.243   0.554  -3.094  1.00 3.15  ? 10  DG  B C8    1 
ATOM   191 N N7    . DG  B 1 4 ? 7.614   1.657  -2.805  1.00 3.09  ? 10  DG  B N7    1 
ATOM   192 C C5    . DG  B 1 4 ? 6.609   1.263  -1.927  1.00 2.49  ? 10  DG  B C5    1 
ATOM   193 C C6    . DG  B 1 4 ? 5.611   2.010  -1.278  1.00 2.54  ? 10  DG  B C6    1 
ATOM   194 O O6    . DG  B 1 4 ? 5.391   3.238  -1.392  1.00 3.28  ? 10  DG  B O6    1 
ATOM   195 N N1    . DG  B 1 4 ? 4.813   1.233  -0.457  1.00 2.26  ? 10  DG  B N1    1 
ATOM   196 C C2    . DG  B 1 4 ? 4.925   -0.130 -0.332  1.00 2.08  ? 10  DG  B C2    1 
ATOM   197 N N2    . DG  B 1 4 ? 4.026   -0.734 0.460   1.00 2.58  ? 10  DG  B N2    1 
ATOM   198 N N3    . DG  B 1 4 ? 5.859   -0.858 -0.936  1.00 2.19  ? 10  DG  B N3    1 
ATOM   199 C C4    . DG  B 1 4 ? 6.660   -0.099 -1.707  1.00 2.21  ? 10  DG  B C4    1 
ATOM   200 P P     . DC  B 1 5 ? 7.230   -5.623 0.560   1.00 2.73  ? 11  DC  B P     1 
ATOM   201 O OP1   . DC  B 1 5 ? 7.888   -6.950 0.700   1.00 3.47  ? 11  DC  B OP1   1 
ATOM   202 O OP2   . DC  B 1 5 ? 5.735   -5.590 0.506   1.00 3.72  ? 11  DC  B OP2   1 
ATOM   203 O "O5'" . DC  B 1 5 ? 7.752   -4.639 1.700   1.00 3.43  ? 11  DC  B "O5'" 1 
ATOM   204 C "C5'" . DC  B 1 5 ? 8.038   -5.120 3.018   1.00 2.70  ? 11  DC  B "C5'" 1 
ATOM   205 C "C4'" . DC  B 1 5 ? 7.225   -4.375 4.037   1.00 2.48  ? 11  DC  B "C4'" 1 
ATOM   206 O "O4'" . DC  B 1 5 ? 7.615   -2.991 4.033   1.00 2.70  ? 11  DC  B "O4'" 1 
ATOM   207 C "C3'" . DC  B 1 5 ? 5.709   -4.388 3.792   1.00 2.96  ? 11  DC  B "C3'" 1 
ATOM   208 O "O3'" . DC  B 1 5 ? 4.998   -4.519 5.035   1.00 3.55  ? 11  DC  B "O3'" 1 
ATOM   209 C "C2'" . DC  B 1 5 ? 5.433   -3.012 3.212   1.00 3.53  ? 11  DC  B "C2'" 1 
ATOM   210 C "C1'" . DC  B 1 5 ? 6.488   -2.151 3.905   1.00 2.69  ? 11  DC  B "C1'" 1 
ATOM   211 N N1    . DC  B 1 5 ? 6.904   -0.988 3.111   1.00 2.42  ? 11  DC  B N1    1 
ATOM   212 C C2    . DC  B 1 5 ? 6.186   0.187  3.258   1.00 2.33  ? 11  DC  B C2    1 
ATOM   213 O O2    . DC  B 1 5 ? 5.220   0.204  4.044   1.00 3.00  ? 11  DC  B O2    1 
ATOM   214 N N3    . DC  B 1 5 ? 6.564   1.288  2.566   1.00 2.31  ? 11  DC  B N3    1 
ATOM   215 C C4    . DC  B 1 5 ? 7.593   1.216  1.703   1.00 2.35  ? 11  DC  B C4    1 
ATOM   216 N N4    . DC  B 1 5 ? 7.931   2.318  1.045   1.00 2.86  ? 11  DC  B N4    1 
ATOM   217 C C5    . DC  B 1 5 ? 8.305   0.002  1.495   1.00 2.64  ? 11  DC  B C5    1 
ATOM   218 C C6    . DC  B 1 5 ? 7.933   -1.072 2.213   1.00 2.71  ? 11  DC  B C6    1 
ATOM   219 P P     . DG  B 1 6 ? 4.489   -5.956 5.529   1.00 3.56  ? 12  DG  B P     1 
ATOM   220 O OP1   . DG  B 1 6 ? 3.823   -6.687 4.410   1.00 4.64  ? 12  DG  B OP1   1 
ATOM   221 O OP2   . DG  B 1 6 ? 3.723   -5.665 6.780   1.00 4.87  ? 12  DG  B OP2   1 
ATOM   222 O "O5'" . DG  B 1 6 ? 5.798   -6.784 5.849   1.00 3.54  ? 12  DG  B "O5'" 1 
ATOM   223 C "C5'" . DG  B 1 6 ? 6.505   -6.560 7.080   1.00 3.30  ? 12  DG  B "C5'" 1 
ATOM   224 C "C4'" . DG  B 1 6 ? 7.753   -7.419 7.067   1.00 2.97  ? 12  DG  B "C4'" 1 
ATOM   225 O "O4'" . DG  B 1 6 ? 8.648   -6.950 6.035   1.00 2.91  ? 12  DG  B "O4'" 1 
ATOM   226 C "C3'" . DG  B 1 6 ? 8.552   -7.374 8.366   1.00 3.17  ? 12  DG  B "C3'" 1 
ATOM   227 O "O3'" . DG  B 1 6 ? 9.296   -8.579 8.565   1.00 3.45  ? 12  DG  B "O3'" 1 
ATOM   228 C "C2'" . DG  B 1 6 ? 9.555   -6.264 8.107   1.00 3.12  ? 12  DG  B "C2'" 1 
ATOM   229 C "C1'" . DG  B 1 6 ? 9.870   -6.520 6.634   1.00 2.69  ? 12  DG  B "C1'" 1 
ATOM   230 N N9    . DG  B 1 6 ? 10.399  -5.389 5.893   1.00 2.52  ? 12  DG  B N9    1 
ATOM   231 C C8    . DG  B 1 6 ? 11.392  -5.504 4.949   1.00 2.80  ? 12  DG  B C8    1 
ATOM   232 N N7    . DG  B 1 6 ? 11.688  -4.366 4.365   1.00 2.77  ? 12  DG  B N7    1 
ATOM   233 C C5    . DG  B 1 6 ? 10.834  -3.447 4.959   1.00 2.38  ? 12  DG  B C5    1 
ATOM   234 C C6    . DG  B 1 6 ? 10.675  -2.058 4.720   1.00 2.38  ? 12  DG  B C6    1 
ATOM   235 O O6    . DG  B 1 6 ? 11.274  -1.365 3.871   1.00 2.97  ? 12  DG  B O6    1 
ATOM   236 N N1    . DG  B 1 6 ? 9.725   -1.488 5.543   1.00 2.34  ? 12  DG  B N1    1 
ATOM   237 C C2    . DG  B 1 6 ? 8.947   -2.193 6.421   1.00 2.29  ? 12  DG  B C2    1 
ATOM   238 N N2    . DG  B 1 6 ? 8.001   -1.493 7.074   1.00 2.90  ? 12  DG  B N2    1 
ATOM   239 N N3    . DG  B 1 6 ? 9.060   -3.496 6.655   1.00 2.36  ? 12  DG  B N3    1 
ATOM   240 C C4    . DG  B 1 6 ? 10.027  -4.060 5.904   1.00 2.24  ? 12  DG  B C4    1 
HETATM 241 N N1    . SPM C 2 . ? -7.061  -7.485 1.746   1.00 2.54  ? 20  SPM A N1    1 
HETATM 242 C C2    . SPM C 2 . ? -7.086  -6.843 3.078   1.00 2.80  ? 20  SPM A C2    1 
HETATM 243 C C3    . SPM C 2 . ? -6.806  -5.346 2.941   1.00 3.54  ? 20  SPM A C3    1 
HETATM 244 C C4    . SPM C 2 . ? -6.917  -4.557 4.243   1.00 4.06  ? 20  SPM A C4    1 
HETATM 245 N N5    . SPM C 2 . ? -8.307  -4.292 4.637   1.00 4.54  ? 20  SPM A N5    1 
HETATM 246 C C6    . SPM C 2 . ? -8.446  -3.458 5.839   1.00 5.55  ? 20  SPM A C6    1 
HETATM 247 C C7    A SPM C 2 . ? -9.850  -3.639 6.416   0.56 8.28  ? 20  SPM A C7    1 
HETATM 248 C C7    B SPM C 2 . ? -9.860  -2.906 6.032   0.44 6.09  ? 20  SPM A C7    1 
HETATM 249 C C8    A SPM C 2 . ? -10.644 -2.336 6.466   0.56 12.23 ? 20  SPM A C8    1 
HETATM 250 C C8    B SPM C 2 . ? -10.911 -3.911 6.486   0.44 5.38  ? 20  SPM A C8    1 
HETATM 251 C C9    A SPM C 2 . ? -12.066 -2.577 6.979   0.56 11.99 ? 20  SPM A C9    1 
HETATM 252 C C9    B SPM C 2 . ? -12.270 -3.288 6.797   0.44 6.97  ? 20  SPM A C9    1 
HETATM 253 N N10   A SPM C 2 . ? -13.018 -2.636 5.860   0.56 6.53  ? 20  SPM A N10   1 
HETATM 254 N N10   B SPM C 2 . ? -12.996 -2.955 5.563   0.44 8.75  ? 20  SPM A N10   1 
HETATM 255 C C11   A SPM C 2 . ? -14.396 -2.630 6.372   0.56 7.84  ? 20  SPM A C11   1 
HETATM 256 C C11   B SPM C 2 . ? -14.433 -2.845 5.860   0.44 13.72 ? 20  SPM A C11   1 
HETATM 257 C C12   A SPM C 2 . ? -15.346 -2.121 5.286   0.56 15.91 ? 20  SPM A C12   1 
HETATM 258 C C12   B SPM C 2 . ? -15.186 -2.397 4.604   0.44 15.23 ? 20  SPM A C12   1 
HETATM 259 C C13   A SPM C 2 . ? -14.990 -2.730 3.926   0.56 17.69 ? 20  SPM A C13   1 
HETATM 260 C C13   B SPM C 2 . ? -16.697 -2.423 4.841   0.44 16.76 ? 20  SPM A C13   1 
HETATM 261 N N14   A SPM C 2 . ? -16.208 -2.838 3.109   0.56 24.77 ? 20  SPM A N14   1 
HETATM 262 N N14   B SPM C 2 . ? -17.294 -3.529 4.077   0.44 14.36 ? 20  SPM A N14   1 
HETATM 263 O O     . HOH D 3 . ? -3.111  -3.525 -7.444  1.00 2.99  ? 103 HOH A O     1 
HETATM 264 O O     . HOH D 3 . ? -1.494  -3.784 -9.694  1.00 3.23  ? 107 HOH A O     1 
HETATM 265 O O     . HOH D 3 . ? -4.636  -5.100 -5.795  1.00 3.25  ? 109 HOH A O     1 
HETATM 266 O O     . HOH D 3 . ? -5.533  -7.702 -6.408  1.00 3.53  ? 111 HOH A O     1 
HETATM 267 O O     . HOH D 3 . ? -2.116  -2.372 -3.263  1.00 2.78  ? 112 HOH A O     1 
HETATM 268 O O     . HOH D 3 . ? -2.716  -5.047 -3.783  1.00 3.02  ? 113 HOH A O     1 
HETATM 269 O O     . HOH D 3 . ? 2.792   7.476  -0.486  0.97 8.25  ? 115 HOH A O     1 
HETATM 270 O O     . HOH D 3 . ? -4.421  6.461  5.956   1.00 6.59  ? 122 HOH A O     1 
HETATM 271 O O     . HOH D 3 . ? -10.517 0.608  -0.756  0.82 4.01  ? 123 HOH A O     1 
HETATM 272 O O     A HOH D 3 . ? -3.548  -9.354 -2.130  0.48 3.40  ? 132 HOH A O     1 
HETATM 273 O O     B HOH D 3 . ? -3.296  -9.374 -1.878  0.52 13.73 ? 132 HOH A O     1 
HETATM 274 O O     A HOH D 3 . ? 4.915   8.554  0.178   0.33 2.65  ? 134 HOH A O     1 
HETATM 275 O O     B HOH D 3 . ? 5.626   8.617  -0.179  0.67 11.90 ? 134 HOH A O     1 
HETATM 276 O O     A HOH D 3 . ? 12.074  2.852  1.014   0.62 12.46 ? 135 HOH A O     1 
HETATM 277 O O     B HOH D 3 . ? 12.104  3.221  1.476   0.38 4.57  ? 135 HOH A O     1 
HETATM 278 O O     A HOH D 3 . ? -5.998  -1.690 9.253   0.54 14.71 ? 136 HOH A O     1 
HETATM 279 O O     B HOH D 3 . ? -6.585  -1.928 8.071   0.46 10.08 ? 136 HOH A O     1 
HETATM 280 O O     A HOH D 3 . ? -1.374  6.662  2.023   0.63 5.53  ? 137 HOH A O     1 
HETATM 281 O O     B HOH D 3 . ? -1.646  7.083  1.851   0.37 12.97 ? 137 HOH A O     1 
HETATM 282 O O     . HOH D 3 . ? 2.271   -0.358 6.640   0.66 4.93  ? 140 HOH A O     1 
HETATM 283 O O     . HOH D 3 . ? 4.913   7.765  -2.230  0.52 4.07  ? 142 HOH A O     1 
HETATM 284 O O     . HOH D 3 . ? -2.960  7.780  4.061   0.74 6.34  ? 147 HOH A O     1 
HETATM 285 O O     . HOH D 3 . ? 1.422   -6.776 0.768   0.74 21.36 ? 148 HOH A O     1 
HETATM 286 O O     . HOH D 3 . ? -1.618  9.709  5.609   0.75 6.83  ? 149 HOH A O     1 
HETATM 287 O O     . HOH D 3 . ? -1.460  -9.859 -0.220  0.59 10.92 ? 152 HOH A O     1 
HETATM 288 O O     . HOH D 3 . ? -1.203  -6.319 -0.707  0.50 12.25 ? 153 HOH A O     1 
HETATM 289 O O     . HOH D 3 . ? -3.942  -8.799 6.976   0.61 7.17  ? 158 HOH A O     1 
HETATM 290 O O     . HOH D 3 . ? -1.871  -2.140 1.276   0.50 6.40  ? 159 HOH A O     1 
HETATM 291 O O     . HOH D 3 . ? -0.331  3.152  10.232  0.77 28.06 ? 160 HOH A O     1 
HETATM 292 O O     . HOH D 3 . ? -3.094  -4.668 1.989   0.52 13.11 ? 162 HOH A O     1 
HETATM 293 O O     . HOH D 3 . ? 0.946   5.027  11.165  0.93 21.84 ? 163 HOH A O     1 
HETATM 294 O O     . HOH D 3 . ? -1.881  8.206  8.108   0.60 8.38  ? 166 HOH A O     1 
HETATM 295 O O     . HOH D 3 . ? -3.892  -4.290 4.522   0.37 8.55  ? 167 HOH A O     1 
HETATM 296 O O     . HOH D 3 . ? -2.353  -2.127 2.119   0.44 5.80  ? 170 HOH A O     1 
HETATM 297 O O     . HOH D 3 . ? 0.576   8.388  0.881   0.47 12.65 ? 171 HOH A O     1 
HETATM 298 O O     . HOH D 3 . ? 0.233   -1.281 8.240   0.41 6.22  ? 175 HOH A O     1 
HETATM 299 O O     . HOH D 3 . ? 1.988   -3.191 2.904   0.47 11.57 ? 176 HOH A O     1 
HETATM 300 O O     . HOH D 3 . ? 0.220   -1.714 1.076   0.39 8.22  ? 178 HOH A O     1 
HETATM 301 O O     . HOH D 3 . ? -12.870 -5.227 5.426   0.40 11.43 ? 179 HOH A O     1 
HETATM 302 O O     . HOH D 3 . ? 0.811   8.027  1.507   0.41 6.11  ? 184 HOH A O     1 
HETATM 303 O O     . HOH D 3 . ? -0.644  -7.924 1.278   0.30 7.70  ? 185 HOH A O     1 
HETATM 304 O O     . HOH D 3 . ? -14.050 -5.396 4.800   0.42 5.28  ? 186 HOH A O     1 
HETATM 305 O O     . HOH D 3 . ? 0.268   0.666  10.347  0.76 53.69 ? 187 HOH A O     1 
HETATM 306 O O     . HOH D 3 . ? -0.580  3.873  10.304  0.22 5.29  ? 189 HOH A O     1 
HETATM 307 O O     . HOH D 3 . ? 15.020  2.748  1.382   0.73 7.17  ? 191 HOH A O     1 
HETATM 308 O O     . HOH D 3 . ? -12.422 -0.876 -1.542  0.25 2.87  ? 195 HOH A O     1 
HETATM 309 O O     . HOH D 3 . ? -2.258  -5.889 1.924   0.20 4.12  ? 196 HOH A O     1 
HETATM 310 O O     . HOH D 3 . ? -0.586  -4.074 6.621   0.29 5.56  ? 197 HOH A O     1 
HETATM 311 O O     . HOH D 3 . ? 0.650   -0.012 7.715   0.41 6.94  ? 199 HOH A O     1 
HETATM 312 O O     . HOH D 3 . ? -2.965  -7.726 2.058   0.24 6.53  ? 201 HOH A O     1 
HETATM 313 O O     . HOH D 3 . ? -3.368  -3.464 2.765   0.20 4.44  ? 202 HOH A O     1 
HETATM 314 O O     . HOH D 3 . ? -12.309 -1.671 0.507   0.92 15.68 ? 205 HOH A O     1 
HETATM 315 O O     . HOH D 3 . ? -3.261  4.645  9.850   0.45 10.96 ? 206 HOH A O     1 
HETATM 316 O O     . HOH D 3 . ? -3.985  -2.090 8.874   1.00 26.27 ? 207 HOH A O     1 
HETATM 317 O O     . HOH D 3 . ? 0.084   6.205  10.405  0.12 1.77  ? 208 HOH A O     1 
HETATM 318 O O     . HOH D 3 . ? -3.634  4.145  9.543   0.65 20.93 ? 210 HOH A O     1 
HETATM 319 O O     . HOH D 3 . ? -2.038  -9.763 1.628   0.24 3.89  ? 219 HOH A O     1 
HETATM 320 O O     . HOH D 3 . ? -1.928  -9.034 1.361   0.14 5.87  ? 220 HOH A O     1 
HETATM 321 O O     . HOH D 3 . ? -1.932  -8.316 2.090   0.11 6.41  ? 221 HOH A O     1 
HETATM 322 O O     . HOH D 3 . ? -1.632  -9.197 6.797   0.15 6.69  ? 222 HOH A O     1 
HETATM 323 O O     . HOH D 3 . ? -3.379  -6.793 4.957   0.42 10.23 ? 224 HOH A O     1 
HETATM 324 O O     . HOH D 3 . ? -3.069  -6.724 4.053   0.14 3.40  ? 225 HOH A O     1 
HETATM 325 O O     . HOH D 3 . ? -1.955  -6.604 3.140   0.19 4.79  ? 226 HOH A O     1 
HETATM 326 O O     . HOH D 3 . ? -0.966  -6.175 1.624   0.33 10.06 ? 229 HOH A O     1 
HETATM 327 O O     . HOH D 3 . ? -0.727  -6.259 4.883   0.28 11.72 ? 230 HOH A O     1 
HETATM 328 O O     . HOH D 3 . ? -0.260  -2.824 3.273   0.34 18.98 ? 231 HOH A O     1 
HETATM 329 O O     . HOH D 3 . ? -2.888  -7.763 5.217   0.15 5.25  ? 232 HOH A O     1 
HETATM 330 O O     . HOH D 3 . ? -3.937  3.276  9.988   0.08 2.62  ? 233 HOH A O     1 
HETATM 331 O O     . HOH E 3 . ? -4.074  -1.107 -8.368  1.00 3.05  ? 101 HOH B O     1 
HETATM 332 O O     . HOH E 3 . ? -5.957  -1.002 -10.291 1.00 4.09  ? 102 HOH B O     1 
HETATM 333 O O     . HOH E 3 . ? -1.489  -0.988 -9.302  1.00 2.62  ? 104 HOH B O     1 
HETATM 334 O O     . HOH E 3 . ? -0.215  -0.240 -6.925  1.00 2.20  ? 105 HOH B O     1 
HETATM 335 O O     . HOH E 3 . ? -4.629  -2.401 -12.286 1.00 4.54  ? 106 HOH B O     1 
HETATM 336 O O     . HOH E 3 . ? -1.104  -2.548 -5.794  1.00 2.53  ? 108 HOH B O     1 
HETATM 337 O O     . HOH E 3 . ? 4.383   -3.252 -7.588  1.00 3.34  ? 110 HOH B O     1 
HETATM 338 O O     . HOH E 3 . ? 0.653   -4.385 -6.945  1.00 4.10  ? 114 HOH B O     1 
HETATM 339 O O     . HOH E 3 . ? -6.799  -2.892 -13.985 1.00 4.01  ? 116 HOH B O     1 
HETATM 340 O O     . HOH E 3 . ? 3.648   -3.713 0.621   1.00 4.31  ? 117 HOH B O     1 
HETATM 341 O O     . HOH E 3 . ? 7.006   1.978  -7.208  1.00 4.56  ? 118 HOH B O     1 
HETATM 342 O O     . HOH E 3 . ? 1.421   -4.385 -0.878  1.00 7.19  ? 119 HOH B O     1 
HETATM 343 O O     . HOH E 3 . ? 1.967   0.279  -11.600 1.00 5.78  ? 120 HOH B O     1 
HETATM 344 O O     . HOH E 3 . ? 4.301   1.471  -10.577 1.00 3.55  ? 121 HOH B O     1 
HETATM 345 O O     . HOH E 3 . ? -8.789  5.635  -3.267  0.73 3.57  ? 124 HOH B O     1 
HETATM 346 O O     . HOH E 3 . ? -0.422  -2.255 -1.125  0.71 3.83  ? 125 HOH B O     1 
HETATM 347 O O     . HOH E 3 . ? 2.715   -0.776 3.858   0.76 4.44  ? 126 HOH B O     1 
HETATM 348 O O     A HOH E 3 . ? -2.690  5.496  -12.748 0.80 4.48  ? 127 HOH B O     1 
HETATM 349 O O     B HOH E 3 . ? -3.588  5.204  -12.544 0.20 5.00  ? 127 HOH B O     1 
HETATM 350 O O     A HOH E 3 . ? -6.820  1.403  -11.481 0.56 7.21  ? 128 HOH B O     1 
HETATM 351 O O     B HOH E 3 . ? -6.067  1.003  -12.182 0.44 4.62  ? 128 HOH B O     1 
HETATM 352 O O     A HOH E 3 . ? 10.644  -7.067 1.246   0.37 3.19  ? 129 HOH B O     1 
HETATM 353 O O     B HOH E 3 . ? 10.436  -7.196 1.760   0.63 13.28 ? 129 HOH B O     1 
HETATM 354 O O     A HOH E 3 . ? -7.410  7.835  -4.029  0.74 6.04  ? 130 HOH B O     1 
HETATM 355 O O     B HOH E 3 . ? -8.420  7.534  -3.877  0.26 9.66  ? 130 HOH B O     1 
HETATM 356 O O     A HOH E 3 . ? 11.921  -4.967 0.780   0.54 6.95  ? 131 HOH B O     1 
HETATM 357 O O     B HOH E 3 . ? 12.245  -4.757 1.507   0.46 5.79  ? 131 HOH B O     1 
HETATM 358 O O     A HOH E 3 . ? 5.030   4.153  -10.185 0.79 3.88  ? 133 HOH B O     1 
HETATM 359 O O     B HOH E 3 . ? 4.501   4.254  -10.412 0.21 2.83  ? 133 HOH B O     1 
HETATM 360 O O     A HOH E 3 . ? 8.684   8.012  -0.559  0.82 13.18 ? 138 HOH B O     1 
HETATM 361 O O     B HOH E 3 . ? 7.797   7.638  -1.022  0.18 3.29  ? 138 HOH B O     1 
HETATM 362 O O     A HOH E 3 . ? 6.352   5.863  -1.157  0.65 9.95  ? 139 HOH B O     1 
HETATM 363 O O     B HOH E 3 . ? 6.192   6.548  -0.552  0.35 4.87  ? 139 HOH B O     1 
HETATM 364 O O     . HOH E 3 . ? 11.624  -1.896 -3.425  0.96 8.25  ? 141 HOH B O     1 
HETATM 365 O O     . HOH E 3 . ? -9.892  3.238  -1.381  0.80 4.94  ? 144 HOH B O     1 
HETATM 366 O O     . HOH E 3 . ? -4.793  6.251  -11.097 0.78 10.75 ? 145 HOH B O     1 
HETATM 367 O O     . HOH E 3 . ? 3.547   6.621  -4.109  0.77 7.68  ? 146 HOH B O     1 
HETATM 368 O O     . HOH E 3 . ? 14.526  -3.940 4.064   0.68 5.14  ? 150 HOH B O     1 
HETATM 369 O O     . HOH E 3 . ? -6.641  3.578  -11.465 0.73 18.66 ? 151 HOH B O     1 
HETATM 370 O O     . HOH E 3 . ? 2.060   -4.759 2.729   0.56 11.24 ? 154 HOH B O     1 
HETATM 371 O O     . HOH E 3 . ? 4.317   -7.121 -1.620  0.53 15.69 ? 155 HOH B O     1 
HETATM 372 O O     . HOH E 3 . ? 11.354  -4.424 -1.814  0.63 14.55 ? 156 HOH B O     1 
HETATM 373 O O     . HOH E 3 . ? 1.617   7.141  -2.735  0.35 7.79  ? 157 HOH B O     1 
HETATM 374 O O     . HOH E 3 . ? 2.996   -7.317 -5.790  0.48 19.87 ? 161 HOH B O     1 
HETATM 375 O O     . HOH E 3 . ? -5.939  3.863  -12.536 0.42 11.89 ? 164 HOH B O     1 
HETATM 376 O O     . HOH E 3 . ? 11.685  -2.147 1.282   0.63 18.33 ? 165 HOH B O     1 
HETATM 377 O O     . HOH E 3 . ? 10.936  0.346  -5.204  0.99 12.17 ? 168 HOH B O     1 
HETATM 378 O O     . HOH E 3 . ? 3.956   -7.169 1.847   0.68 5.71  ? 169 HOH B O     1 
HETATM 379 O O     . HOH E 3 . ? 2.344   -7.245 -5.852  0.49 4.15  ? 172 HOH B O     1 
HETATM 380 O O     . HOH E 3 . ? 10.511  1.424  -0.620  0.44 6.24  ? 173 HOH B O     1 
HETATM 381 O O     . HOH E 3 . ? -4.127  6.594  -14.865 0.44 6.17  ? 174 HOH B O     1 
HETATM 382 O O     . HOH E 3 . ? 16.339  -3.222 2.233   0.54 5.70  ? 177 HOH B O     1 
HETATM 383 O O     . HOH E 3 . ? -6.700  7.264  -14.399 0.55 12.72 ? 180 HOH B O     1 
HETATM 384 O O     . HOH E 3 . ? 10.909  0.159  -5.253  0.05 1.06  ? 181 HOH B O     1 
HETATM 385 O O     . HOH E 3 . ? 10.828  -2.358 1.267   0.34 7.78  ? 182 HOH B O     1 
HETATM 386 O O     . HOH E 3 . ? 4.340   -7.478 2.127   0.25 11.72 ? 183 HOH B O     1 
HETATM 387 O O     . HOH E 3 . ? 13.624  0.295  2.816   0.30 3.04  ? 188 HOH B O     1 
HETATM 388 O O     . HOH E 3 . ? 1.109   7.256  -2.864  0.37 7.04  ? 190 HOH B O     1 
HETATM 389 O O     . HOH E 3 . ? 13.526  -0.253 2.649   0.52 12.04 ? 192 HOH B O     1 
HETATM 390 O O     . HOH E 3 . ? 10.371  2.375  -0.528  0.37 5.31  ? 193 HOH B O     1 
HETATM 391 O O     . HOH E 3 . ? 1.959   -3.655 6.134   0.41 10.28 ? 194 HOH B O     1 
HETATM 392 O O     . HOH E 3 . ? -5.527  6.637  -14.150 0.22 5.53  ? 198 HOH B O     1 
HETATM 393 O O     . HOH E 3 . ? -5.508  8.188  -14.334 0.18 3.32  ? 200 HOH B O     1 
HETATM 394 O O     . HOH E 3 . ? 6.537   7.951  -1.909  0.26 8.81  ? 203 HOH B O     1 
HETATM 395 O O     . HOH E 3 . ? -5.309  5.884  -15.393 0.16 3.73  ? 204 HOH B O     1 
HETATM 396 O O     . HOH E 3 . ? 5.733   5.119  -3.143  0.56 19.10 ? 209 HOH B O     1 
HETATM 397 O O     . HOH E 3 . ? -0.720  -3.271 -1.063  0.21 5.46  ? 212 HOH B O     1 
HETATM 398 O O     . HOH E 3 . ? -1.111  -1.890 -13.106 0.20 4.88  ? 214 HOH B O     1 
HETATM 399 O O     . HOH E 3 . ? -7.959  1.026  -14.187 0.12 3.42  ? 217 HOH B O     1 
HETATM 400 O O     . HOH E 3 . ? -3.980  1.940  -13.719 0.67 17.49 ? 218 HOH B O     1 
HETATM 401 O O     . HOH E 3 . ? -0.376  -5.744 2.909   1.00 37.55 ? 228 HOH B O     1 
HETATM 402 O O     . HOH E 3 . ? 3.366   -7.676 -2.337  0.28 16.24 ? 234 HOH B O     1 
HETATM 403 O O     . HOH E 3 . ? -4.165  7.337  -10.719 0.20 5.07  ? 235 HOH B O     1 
# 
loop_
_atom_site_anisotrop.id 
_atom_site_anisotrop.type_symbol 
_atom_site_anisotrop.pdbx_label_atom_id 
_atom_site_anisotrop.pdbx_label_alt_id 
_atom_site_anisotrop.pdbx_label_comp_id 
_atom_site_anisotrop.pdbx_label_asym_id 
_atom_site_anisotrop.pdbx_label_seq_id 
_atom_site_anisotrop.pdbx_PDB_ins_code 
_atom_site_anisotrop.U[1][1] 
_atom_site_anisotrop.U[2][2] 
_atom_site_anisotrop.U[3][3] 
_atom_site_anisotrop.U[1][2] 
_atom_site_anisotrop.U[1][3] 
_atom_site_anisotrop.U[2][3] 
_atom_site_anisotrop.pdbx_auth_seq_id 
_atom_site_anisotrop.pdbx_auth_comp_id 
_atom_site_anisotrop.pdbx_auth_asym_id 
_atom_site_anisotrop.pdbx_auth_atom_id 
1   O "O5'" . DC  A 1 ? 0.0349 0.0358 0.0459 -0.0046 -0.0059 0.0023  1   DC  A "O5'" 
2   C "C5'" . DC  A 1 ? 0.0345 0.0202 0.0388 0.0037  -0.0032 0.0005  1   DC  A "C5'" 
3   C "C4'" . DC  A 1 ? 0.0294 0.0189 0.0351 0.0044  -0.0059 -0.0015 1   DC  A "C4'" 
4   O "O4'" . DC  A 1 ? 0.0408 0.0207 0.0380 0.0102  -0.0168 -0.0063 1   DC  A "O4'" 
5   C "C3'" . DC  A 1 ? 0.0290 0.0214 0.0353 0.0014  -0.0067 -0.0010 1   DC  A "C3'" 
6   O "O3'" . DC  A 1 ? 0.0320 0.0222 0.0395 0.0016  -0.0037 0.0016  1   DC  A "O3'" 
7   C "C2'" . DC  A 1 ? 0.0309 0.0249 0.0360 0.0037  -0.0099 -0.0014 1   DC  A "C2'" 
8   C "C1'" . DC  A 1 ? 0.0286 0.0177 0.0427 0.0044  -0.0097 -0.0042 1   DC  A "C1'" 
9   N N1    . DC  A 1 ? 0.0300 0.0171 0.0404 0.0026  -0.0075 -0.0035 1   DC  A N1    
10  C C2    . DC  A 1 ? 0.0357 0.0184 0.0349 0.0048  -0.0068 -0.0028 1   DC  A C2    
11  O O2    . DC  A 1 ? 0.0513 0.0229 0.0426 0.0115  0.0082  0.0018  1   DC  A O2    
12  N N3    . DC  A 1 ? 0.0343 0.0205 0.0347 0.0041  -0.0055 -0.0045 1   DC  A N3    
13  C C4    . DC  A 1 ? 0.0298 0.0227 0.0374 -0.0011 -0.0075 -0.0042 1   DC  A C4    
14  N N4    . DC  A 1 ? 0.0356 0.0261 0.0443 -0.0021 0.0003  -0.0044 1   DC  A N4    
15  C C5    . DC  A 1 ? 0.0354 0.0221 0.0456 -0.0034 -0.0057 -0.0004 1   DC  A C5    
16  C C6    . DC  A 1 ? 0.0340 0.0190 0.0490 -0.0008 -0.0082 -0.0009 1   DC  A C6    
17  P P     . DG  A 2 ? 0.0419 0.0238 0.0294 0.0015  -0.0023 0.0039  2   DG  A P     
18  O OP1   . DG  A 2 ? 0.0623 0.0315 0.0292 -0.0066 -0.0083 0.0016  2   DG  A OP1   
19  O OP2   . DG  A 2 ? 0.0487 0.0316 0.0432 0.0006  0.0031  0.0108  2   DG  A OP2   
20  O "O5'" . DG  A 2 ? 0.0408 0.0263 0.0340 0.0053  -0.0074 -0.0019 2   DG  A "O5'" 
21  C "C5'" . DG  A 2 ? 0.0374 0.0282 0.0427 0.0032  -0.0050 -0.0005 2   DG  A "C5'" 
22  C "C4'" . DG  A 2 ? 0.0354 0.0281 0.0404 0.0083  -0.0090 -0.0066 2   DG  A "C4'" 
23  O "O4'" . DG  A 2 ? 0.0407 0.0240 0.0402 0.0013  -0.0132 -0.0017 2   DG  A "O4'" 
24  C "C3'" . DG  A 2 ? 0.0305 0.0312 0.0463 0.0079  -0.0059 -0.0111 2   DG  A "C3'" 
25  O "O3'" . DG  A 2 ? 0.0321 0.0442 0.0569 0.0111  -0.0024 -0.0142 2   DG  A "O3'" 
26  C "C2'" . DG  A 2 ? 0.0382 0.0422 0.0450 0.0128  -0.0140 -0.0077 2   DG  A "C2'" 
27  C "C1'" . DG  A 2 ? 0.0452 0.0222 0.0408 0.0093  -0.0120 -0.0017 2   DG  A "C1'" 
28  N N9    . DG  A 2 ? 0.0420 0.0195 0.0433 0.0034  -0.0098 0.0042  2   DG  A N9    
29  C C8    . DG  A 2 ? 0.0560 0.0231 0.0562 0.0000  -0.0054 0.0116  2   DG  A C8    
30  N N7    . DG  A 2 ? 0.0591 0.0293 0.0542 -0.0044 0.0021  0.0141  2   DG  A N7    
31  C C5    . DG  A 2 ? 0.0397 0.0236 0.0385 -0.0017 -0.0014 0.0064  2   DG  A C5    
32  C C6    . DG  A 2 ? 0.0366 0.0267 0.0364 -0.0017 0.0023  0.0042  2   DG  A C6    
33  O O6    . DG  A 2 ? 0.0468 0.0354 0.0517 -0.0020 0.0166  0.0066  2   DG  A O6    
34  N N1    . DG  A 2 ? 0.0313 0.0215 0.0305 -0.0008 0.0014  -0.0002 2   DG  A N1    
35  C C2    . DG  A 2 ? 0.0267 0.0184 0.0303 0.0000  -0.0029 -0.0015 2   DG  A C2    
36  N N2    . DG  A 2 ? 0.0355 0.0179 0.0405 0.0015  0.0082  -0.0006 2   DG  A N2    
37  N N3    . DG  A 2 ? 0.0282 0.0186 0.0330 0.0026  -0.0042 -0.0014 2   DG  A N3    
38  C C4    . DG  A 2 ? 0.0326 0.0190 0.0345 0.0019  -0.0066 0.0021  2   DG  A C4    
39  P P     . DC  A 3 ? 0.0289 0.0620 0.0436 0.0028  0.0018  -0.0074 3   DC  A P     
40  O OP1   . DC  A 3 ? 0.0363 0.1224 0.0472 0.0117  0.0089  -0.0149 3   DC  A OP1   
41  O OP2   . DC  A 3 ? 0.0450 0.0763 0.0762 -0.0016 -0.0036 0.0248  3   DC  A OP2   
42  O "O5'" . DC  A 3 ? 0.0327 0.0595 0.0475 -0.0083 0.0086  -0.0132 3   DC  A "O5'" 
43  C "C5'" . DC  A 3 ? 0.0260 0.0445 0.0480 0.0021  0.0028  -0.0072 3   DC  A "C5'" 
44  C "C4'" . DC  A 3 ? 0.0237 0.0430 0.0350 0.0039  -0.0004 -0.0024 3   DC  A "C4'" 
45  O "O4'" . DC  A 3 ? 0.0258 0.0540 0.0316 0.0074  -0.0019 0.0007  3   DC  A "O4'" 
46  C "C3'" . DC  A 3 ? 0.0282 0.0481 0.0311 0.0067  0.0002  -0.0001 3   DC  A "C3'" 
47  O "O3'" . DC  A 3 ? 0.0371 0.0425 0.0396 0.0094  0.0022  -0.0013 3   DC  A "O3'" 
48  C "C2'" . DC  A 3 ? 0.0248 0.0598 0.0321 0.0067  -0.0013 -0.0004 3   DC  A "C2'" 
49  C "C1'" . DC  A 3 ? 0.0248 0.0463 0.0293 0.0038  -0.0005 -0.0044 3   DC  A "C1'" 
50  N N1    . DC  A 3 ? 0.0280 0.0408 0.0298 0.0016  0.0001  -0.0073 3   DC  A N1    
51  C C2    . DC  A 3 ? 0.0296 0.0391 0.0300 -0.0017 0.0012  -0.0070 3   DC  A C2    
52  O O2    . DC  A 3 ? 0.0351 0.0396 0.0423 0.0015  0.0093  -0.0042 3   DC  A O2    
53  N N3    . DC  A 3 ? 0.0306 0.0360 0.0328 -0.0010 0.0010  -0.0065 3   DC  A N3    
54  C C4    . DC  A 3 ? 0.0338 0.0369 0.0300 -0.0014 -0.0036 -0.0061 3   DC  A C4    
55  N N4    . DC  A 3 ? 0.0441 0.0354 0.0415 -0.0031 0.0049  -0.0022 3   DC  A N4    
56  C C5    . DC  A 3 ? 0.0413 0.0357 0.0371 0.0021  -0.0008 -0.0082 3   DC  A C5    
57  C C6    . DC  A 3 ? 0.0358 0.0424 0.0349 0.0039  -0.0006 -0.0079 3   DC  A C6    
58  P P     . DG  A 4 ? 0.0464 0.0412 0.0469 0.0063  -0.0054 0.0110  4   DG  A P     
59  O OP1   . DG  A 4 ? 0.0614 0.0793 0.0445 -0.0060 -0.0132 0.0230  4   DG  A OP1   
60  O OP2   . DG  A 4 ? 0.0724 0.0374 0.1083 0.0132  -0.0017 0.0145  4   DG  A OP2   
61  O "O5'" . DG  A 4 ? 0.0404 0.0432 0.0357 -0.0018 -0.0010 0.0025  4   DG  A "O5'" 
62  C "C5'" . DG  A 4 ? 0.0356 0.0287 0.0363 0.0045  -0.0008 -0.0027 4   DG  A "C5'" 
63  C "C4'" . DG  A 4 ? 0.0345 0.0308 0.0327 0.0057  0.0073  -0.0047 4   DG  A "C4'" 
64  O "O4'" . DG  A 4 ? 0.0378 0.0284 0.0418 0.0075  0.0067  -0.0073 4   DG  A "O4'" 
65  C "C3'" . DG  A 4 ? 0.0268 0.0306 0.0322 0.0067  0.0088  -0.0015 4   DG  A "C3'" 
66  O "O3'" . DG  A 4 ? 0.0350 0.0334 0.0274 0.0008  0.0081  -0.0025 4   DG  A "O3'" 
67  C "C2'" . DG  A 4 ? 0.0274 0.0359 0.0550 0.0106  0.0059  0.0007  4   DG  A "C2'" 
68  C "C1'" . DG  A 4 ? 0.0326 0.0303 0.0493 0.0122  0.0125  -0.0047 4   DG  A "C1'" 
69  N N9    . DG  A 4 ? 0.0301 0.0278 0.0477 0.0093  0.0090  -0.0053 4   DG  A N9    
70  C C8    . DG  A 4 ? 0.0384 0.0310 0.0575 0.0117  0.0067  -0.0070 4   DG  A C8    
71  N N7    . DG  A 4 ? 0.0379 0.0278 0.0543 0.0081  0.0014  -0.0048 4   DG  A N7    
72  C C5    . DG  A 4 ? 0.0311 0.0288 0.0385 0.0060  -0.0004 -0.0023 4   DG  A C5    
73  C C6    . DG  A 4 ? 0.0310 0.0299 0.0359 -0.0007 -0.0029 -0.0003 4   DG  A C6    
74  O O6    . DG  A 4 ? 0.0440 0.0312 0.0520 -0.0039 0.0075  0.0024  4   DG  A O6    
75  N N1    . DG  A 4 ? 0.0258 0.0310 0.0296 -0.0002 0.0008  -0.0040 4   DG  A N1    
76  C C2    . DG  A 4 ? 0.0223 0.0280 0.0288 0.0007  0.0000  -0.0072 4   DG  A C2    
77  N N2    . DG  A 4 ? 0.0270 0.0294 0.0394 0.0013  0.0085  -0.0103 4   DG  A N2    
78  N N3    . DG  A 4 ? 0.0236 0.0276 0.0342 0.0034  0.0037  -0.0063 4   DG  A N3    
79  C C4    . DG  A 4 ? 0.0251 0.0283 0.0360 0.0054  0.0024  -0.0044 4   DG  A C4    
80  P P     . DC  A 5 ? 0.0257 0.0403 0.0268 0.0060  0.0084  -0.0016 5   DC  A P     
81  O OP1   . DC  A 5 ? 0.0510 0.0639 0.0468 0.0356  -0.0060 -0.0099 5   DC  A OP1   
82  O OP2   . DC  A 5 ? 0.0410 0.0765 0.0321 -0.0209 0.0132  -0.0005 5   DC  A OP2   
83  O "O5'" . DC  A 5 ? 0.0225 0.0279 0.0276 0.0011  0.0067  -0.0042 5   DC  A "O5'" 
84  C "C5'" . DC  A 5 ? 0.0212 0.0257 0.0261 -0.0033 0.0046  0.0018  5   DC  A "C5'" 
85  C "C4'" . DC  A 5 ? 0.0234 0.0188 0.0225 -0.0037 0.0036  0.0018  5   DC  A "C4'" 
86  O "O4'" . DC  A 5 ? 0.0241 0.0240 0.0242 -0.0062 -0.0010 0.0059  5   DC  A "O4'" 
87  C "C3'" . DC  A 5 ? 0.0239 0.0169 0.0235 -0.0012 0.0050  0.0003  5   DC  A "C3'" 
88  O "O3'" . DC  A 5 ? 0.0286 0.0157 0.0273 -0.0009 0.0091  0.0014  5   DC  A "O3'" 
89  C "C2'" . DC  A 5 ? 0.0220 0.0180 0.0254 -0.0024 0.0001  0.0014  5   DC  A "C2'" 
90  C "C1'" . DC  A 5 ? 0.0237 0.0177 0.0226 -0.0036 0.0045  0.0014  5   DC  A "C1'" 
91  N N1    . DC  A 5 ? 0.0244 0.0173 0.0225 -0.0017 0.0047  0.0018  5   DC  A N1    
92  C C2    . DC  A 5 ? 0.0237 0.0177 0.0223 -0.0022 0.0032  0.0025  5   DC  A C2    
93  O O2    . DC  A 5 ? 0.0310 0.0182 0.0335 -0.0020 0.0135  0.0010  5   DC  A O2    
94  N N3    . DC  A 5 ? 0.0267 0.0165 0.0242 -0.0008 0.0040  0.0018  5   DC  A N3    
95  C C4    . DC  A 5 ? 0.0263 0.0185 0.0256 0.0025  0.0021  0.0025  5   DC  A C4    
96  N N4    . DC  A 5 ? 0.0338 0.0198 0.0349 0.0027  0.0066  0.0022  5   DC  A N4    
97  C C5    . DC  A 5 ? 0.0284 0.0224 0.0332 0.0039  0.0081  0.0041  5   DC  A C5    
98  C C6    . DC  A 5 ? 0.0257 0.0224 0.0290 0.0006  0.0070  0.0040  5   DC  A C6    
99  P P     . DG  A 6 ? 0.0248 0.0169 0.0275 -0.0018 0.0057  0.0021  6   DG  A P     
100 O OP1   . DG  A 6 ? 0.0358 0.0261 0.0286 -0.0032 0.0017  0.0057  6   DG  A OP1   
101 O OP2   . DG  A 6 ? 0.0315 0.0213 0.0392 0.0026  0.0128  0.0028  6   DG  A OP2   
102 O "O5'" . DG  A 6 ? 0.0286 0.0272 0.0259 -0.0077 0.0056  0.0003  6   DG  A "O5'" 
103 C "C5'" . DG  A 6 ? 0.0315 0.0278 0.0280 -0.0077 0.0060  -0.0020 6   DG  A "C5'" 
104 C "C4'" . DG  A 6 ? 0.0326 0.0253 0.0298 -0.0085 0.0000  0.0043  6   DG  A "C4'" 
105 O "O4'" . DG  A 6 ? 0.0337 0.0421 0.0251 0.0024  0.0019  0.0040  6   DG  A "O4'" 
106 C "C3'" . DG  A 6 ? 0.0407 0.0265 0.0348 -0.0097 -0.0046 0.0006  6   DG  A "C3'" 
107 O "O3'" . DG  A 6 ? 0.0503 0.0274 0.0546 -0.0159 -0.0127 0.0054  6   DG  A "O3'" 
108 C "C2'" . DG  A 6 ? 0.0465 0.0280 0.0292 -0.0097 -0.0061 0.0013  6   DG  A "C2'" 
109 C "C1'" . DG  A 6 ? 0.0302 0.0297 0.0338 -0.0084 -0.0020 0.0053  6   DG  A "C1'" 
110 N N9    . DG  A 6 ? 0.0265 0.0331 0.0330 -0.0075 -0.0001 0.0040  6   DG  A N9    
111 C C8    . DG  A 6 ? 0.0253 0.0422 0.0425 -0.0059 0.0033  0.0016  6   DG  A C8    
112 N N7    . DG  A 6 ? 0.0274 0.0408 0.0423 0.0001  0.0043  -0.0001 6   DG  A N7    
113 C C5    . DG  A 6 ? 0.0270 0.0313 0.0288 -0.0014 -0.0006 0.0016  6   DG  A C5    
114 C C6    . DG  A 6 ? 0.0314 0.0280 0.0273 0.0017  0.0003  0.0018  6   DG  A C6    
115 O O6    . DG  A 6 ? 0.0420 0.0304 0.0403 0.0058  0.0085  0.0000  6   DG  A O6    
116 N N1    . DG  A 6 ? 0.0330 0.0241 0.0232 0.0002  0.0016  0.0024  6   DG  A N1    
117 C C2    . DG  A 6 ? 0.0302 0.0232 0.0204 -0.0019 0.0011  -0.0002 6   DG  A C2    
118 N N2    . DG  A 6 ? 0.0387 0.0235 0.0297 -0.0039 0.0114  -0.0013 6   DG  A N2    
119 N N3    . DG  A 6 ? 0.0282 0.0237 0.0248 -0.0044 0.0007  -0.0008 6   DG  A N3    
120 C C4    . DG  A 6 ? 0.0250 0.0274 0.0253 -0.0041 -0.0018 0.0024  6   DG  A C4    
121 O "O5'" . DC  B 1 ? 0.0387 0.0392 0.0573 0.0145  0.0088  0.0074  7   DC  B "O5'" 
122 C "C5'" . DC  B 1 ? 0.0363 0.0244 0.0474 0.0024  0.0057  0.0043  7   DC  B "C5'" 
123 C "C4'" . DC  B 1 ? 0.0240 0.0226 0.0341 -0.0003 0.0029  0.0027  7   DC  B "C4'" 
124 O "O4'" . DC  B 1 ? 0.0280 0.0295 0.0300 -0.0060 -0.0027 0.0033  7   DC  B "O4'" 
125 C "C3'" . DC  B 1 ? 0.0254 0.0301 0.0275 0.0007  0.0031  0.0055  7   DC  B "C3'" 
126 O "O3'" . DC  B 1 ? 0.0290 0.0273 0.0271 -0.0031 0.0052  0.0036  7   DC  B "O3'" 
127 C "C2'" . DC  B 1 ? 0.0243 0.0370 0.0249 -0.0046 0.0008  0.0032  7   DC  B "C2'" 
128 C "C1'" . DC  B 1 ? 0.0252 0.0251 0.0256 -0.0013 0.0006  0.0027  7   DC  B "C1'" 
129 N N1    . DC  B 1 ? 0.0277 0.0225 0.0240 0.0002  0.0024  0.0026  7   DC  B N1    
130 C C2    . DC  B 1 ? 0.0276 0.0226 0.0213 0.0004  0.0019  0.0033  7   DC  B C2    
131 O O2    . DC  B 1 ? 0.0346 0.0212 0.0335 0.0015  0.0107  0.0018  7   DC  B O2    
132 N N3    . DC  B 1 ? 0.0296 0.0236 0.0226 0.0020  0.0039  0.0023  7   DC  B N3    
133 C C4    . DC  B 1 ? 0.0315 0.0255 0.0217 0.0036  0.0016  0.0015  7   DC  B C4    
134 N N4    . DC  B 1 ? 0.0374 0.0297 0.0299 0.0044  0.0094  -0.0023 7   DC  B N4    
135 C C5    . DC  B 1 ? 0.0362 0.0246 0.0297 0.0036  0.0042  0.0014  7   DC  B C5    
136 C C6    . DC  B 1 ? 0.0340 0.0225 0.0300 0.0012  0.0032  0.0032  7   DC  B C6    
137 P P     . DG  B 2 ? 0.0335 0.0267 0.0223 -0.0013 0.0050  0.0035  8   DG  B P     
138 O OP1   . DG  B 2 ? 0.0481 0.0430 0.0233 0.0015  0.0015  0.0080  8   DG  B OP1   
139 O OP2   . DG  B 2 ? 0.0483 0.0284 0.0344 -0.0019 0.0131  -0.0023 8   DG  B OP2   
140 O "O5'" . DG  B 2 ? 0.0292 0.0237 0.0246 -0.0004 0.0038  0.0080  8   DG  B "O5'" 
141 C "C5'" . DG  B 2 ? 0.0273 0.0197 0.0286 0.0016  0.0038  0.0076  8   DG  B "C5'" 
142 C "C4'" . DG  B 2 ? 0.0229 0.0192 0.0319 -0.0005 0.0059  0.0087  8   DG  B "C4'" 
143 O "O4'" . DG  B 2 ? 0.0275 0.0167 0.0368 0.0009  0.0015  0.0069  8   DG  B "O4'" 
144 C "C3'" . DG  B 2 ? 0.0221 0.0187 0.0344 -0.0010 0.0030  0.0079  8   DG  B "C3'" 
145 O "O3'" . DG  B 2 ? 0.0207 0.0210 0.0484 0.0000  0.0054  0.0092  8   DG  B "O3'" 
146 C "C2'" . DG  B 2 ? 0.0264 0.0221 0.0406 -0.0017 0.0004  0.0026  8   DG  B "C2'" 
147 C "C1'" . DG  B 2 ? 0.0243 0.0162 0.0377 -0.0034 0.0043  0.0066  8   DG  B "C1'" 
148 N N9    . DG  B 2 ? 0.0281 0.0153 0.0380 -0.0043 0.0058  0.0039  8   DG  B N9    
149 C C8    . DG  B 2 ? 0.0385 0.0150 0.0485 -0.0052 0.0107  0.0032  8   DG  B C8    
150 N N7    . DG  B 2 ? 0.0453 0.0154 0.0555 -0.0039 0.0182  -0.0002 8   DG  B N7    
151 C C5    . DG  B 2 ? 0.0327 0.0160 0.0371 -0.0029 0.0072  0.0026  8   DG  B C5    
152 C C6    . DG  B 2 ? 0.0333 0.0183 0.0367 -0.0022 0.0095  0.0012  8   DG  B C6    
153 O O6    . DG  B 2 ? 0.0448 0.0221 0.0617 -0.0006 0.0259  -0.0009 8   DG  B O6    
154 N N1    . DG  B 2 ? 0.0260 0.0167 0.0294 -0.0025 0.0051  0.0026  8   DG  B N1    
155 C C2    . DG  B 2 ? 0.0219 0.0159 0.0278 -0.0017 0.0015  0.0050  8   DG  B C2    
156 N N2    . DG  B 2 ? 0.0280 0.0152 0.0352 -0.0012 0.0078  0.0058  8   DG  B N2    
157 N N3    . DG  B 2 ? 0.0221 0.0151 0.0315 -0.0024 0.0024  0.0057  8   DG  B N3    
158 C C4    . DG  B 2 ? 0.0258 0.0155 0.0316 -0.0036 0.0026  0.0043  8   DG  B C4    
159 P P     . DC  B 3 ? 0.0204 0.0194 0.0303 0.0017  0.0054  0.0055  9   DC  B P     
160 O OP1   . DC  B 3 ? 0.0217 0.0305 0.0355 0.0035  0.0079  0.0063  9   DC  B OP1   
161 O OP2   . DC  B 3 ? 0.0242 0.0239 0.0484 -0.0032 0.0101  -0.0028 9   DC  B OP2   
162 O "O5'" . DC  B 3 ? 0.0454 0.0429 0.0286 0.0229  0.0071  0.0055  9   DC  B "O5'" 
163 C "C5'" . DC  B 3 ? 0.0254 0.0323 0.0304 0.0050  0.0042  0.0075  9   DC  B "C5'" 
164 C "C4'" . DC  B 3 ? 0.0214 0.0361 0.0254 0.0002  0.0010  0.0028  9   DC  B "C4'" 
165 O "O4'" . DC  B 3 ? 0.0213 0.0556 0.0270 -0.0026 0.0009  -0.0078 9   DC  B "O4'" 
166 C "C3'" . DC  B 3 ? 0.0240 0.0409 0.0246 -0.0025 0.0014  0.0013  9   DC  B "C3'" 
167 O "O3'" . DC  B 3 ? 0.0337 0.0466 0.0287 -0.0105 0.0043  0.0046  9   DC  B "O3'" 
168 C "C2'" . DC  B 3 ? 0.0200 0.0567 0.0290 -0.0003 -0.0016 -0.0096 9   DC  B "C2'" 
169 C "C1'" . DC  B 3 ? 0.0225 0.0474 0.0240 0.0006  0.0026  -0.0043 9   DC  B "C1'" 
170 N N1    . DC  B 3 ? 0.0268 0.0441 0.0238 -0.0013 0.0023  -0.0026 9   DC  B N1    
171 C C2    . DC  B 3 ? 0.0258 0.0442 0.0255 0.0007  0.0018  -0.0044 9   DC  B C2    
172 O O2    . DC  B 3 ? 0.0294 0.0417 0.0407 0.0010  0.0093  -0.0024 9   DC  B O2    
173 N N3    . DC  B 3 ? 0.0299 0.0390 0.0288 -0.0009 0.0003  -0.0024 9   DC  B N3    
174 C C4    . DC  B 3 ? 0.0354 0.0451 0.0251 -0.0041 -0.0016 -0.0019 9   DC  B C4    
175 N N4    . DC  B 3 ? 0.0458 0.0410 0.0379 -0.0035 0.0036  0.0001  9   DC  B N4    
176 C C5    . DC  B 3 ? 0.0403 0.0511 0.0306 -0.0079 0.0056  -0.0024 9   DC  B C5    
177 C C6    . DC  B 3 ? 0.0362 0.0527 0.0293 -0.0077 0.0050  -0.0011 9   DC  B C6    
178 P P     . DG  B 4 ? 0.0422 0.0365 0.0370 -0.0142 -0.0029 0.0077  10  DG  B P     
179 O OP1   . DG  B 4 ? 0.0498 0.0407 0.0422 -0.0124 -0.0083 -0.0041 10  DG  B OP1   
180 O OP2   . DG  B 4 ? 0.0677 0.0565 0.0625 -0.0256 -0.0029 0.0256  10  DG  B OP2   
181 O "O5'" . DG  B 4 ? 0.0417 0.0371 0.0285 -0.0043 -0.0026 0.0032  10  DG  B "O5'" 
182 C "C5'" . DG  B 4 ? 0.0399 0.0366 0.0266 0.0035  0.0009  0.0062  10  DG  B "C5'" 
183 C "C4'" . DG  B 4 ? 0.0371 0.0289 0.0244 0.0059  0.0009  0.0018  10  DG  B "C4'" 
184 O "O4'" . DG  B 4 ? 0.0419 0.0363 0.0242 -0.0019 0.0027  0.0035  10  DG  B "O4'" 
185 C "C3'" . DG  B 4 ? 0.0376 0.0337 0.0275 0.0097  -0.0019 0.0024  10  DG  B "C3'" 
186 O "O3'" . DG  B 4 ? 0.0446 0.0378 0.0338 0.0166  -0.0013 0.0046  10  DG  B "O3'" 
187 C "C2'" . DG  B 4 ? 0.0381 0.0453 0.0425 0.0010  -0.0080 0.0051  10  DG  B "C2'" 
188 C "C1'" . DG  B 4 ? 0.0323 0.0381 0.0339 0.0028  0.0067  0.0008  10  DG  B "C1'" 
189 N N9    . DG  B 4 ? 0.0304 0.0354 0.0315 -0.0019 0.0074  -0.0002 10  DG  B N9    
190 C C8    . DG  B 4 ? 0.0376 0.0411 0.0410 -0.0077 0.0122  0.0036  10  DG  B C8    
191 N N7    . DG  B 4 ? 0.0402 0.0365 0.0406 -0.0069 0.0103  0.0039  10  DG  B N7    
192 C C5    . DG  B 4 ? 0.0324 0.0314 0.0310 -0.0038 0.0039  0.0017  10  DG  B C5    
193 C C6    . DG  B 4 ? 0.0359 0.0304 0.0301 -0.0031 0.0007  0.0002  10  DG  B C6    
194 O O6    . DG  B 4 ? 0.0492 0.0283 0.0472 -0.0014 0.0085  0.0029  10  DG  B O6    
195 N N1    . DG  B 4 ? 0.0303 0.0284 0.0271 0.0002  0.0011  -0.0013 10  DG  B N1    
196 C C2    . DG  B 4 ? 0.0283 0.0292 0.0216 0.0001  -0.0002 0.0026  10  DG  B C2    
197 N N2    . DG  B 4 ? 0.0352 0.0319 0.0309 0.0038  0.0085  0.0050  10  DG  B N2    
198 N N3    . DG  B 4 ? 0.0288 0.0308 0.0237 0.0024  0.0035  0.0038  10  DG  B N3    
199 C C4    . DG  B 4 ? 0.0278 0.0321 0.0239 -0.0015 0.0025  0.0012  10  DG  B C4    
200 P P     . DC  B 5 ? 0.0435 0.0276 0.0326 0.0079  -0.0048 0.0037  11  DC  B P     
201 O OP1   . DC  B 5 ? 0.0586 0.0283 0.0446 0.0122  -0.0102 0.0012  11  DC  B OP1   
202 O OP2   . DC  B 5 ? 0.0424 0.0443 0.0546 0.0068  -0.0003 0.0124  11  DC  B OP2   
203 O "O5'" . DC  B 5 ? 0.0708 0.0255 0.0339 0.0036  -0.0084 0.0048  11  DC  B "O5'" 
204 C "C5'" . DC  B 5 ? 0.0441 0.0265 0.0320 0.0072  -0.0042 0.0019  11  DC  B "C5'" 
205 C "C4'" . DC  B 5 ? 0.0338 0.0237 0.0369 0.0026  -0.0035 0.0014  11  DC  B "C4'" 
206 O "O4'" . DC  B 5 ? 0.0360 0.0223 0.0441 0.0029  -0.0085 -0.0002 11  DC  B "O4'" 
207 C "C3'" . DC  B 5 ? 0.0351 0.0265 0.0510 -0.0010 -0.0027 0.0038  11  DC  B "C3'" 
208 O "O3'" . DC  B 5 ? 0.0428 0.0312 0.0609 0.0023  0.0085  -0.0010 11  DC  B "O3'" 
209 C "C2'" . DC  B 5 ? 0.0360 0.0300 0.0681 0.0005  -0.0134 0.0106  11  DC  B "C2'" 
210 C "C1'" . DC  B 5 ? 0.0368 0.0221 0.0433 0.0040  -0.0001 0.0023  11  DC  B "C1'" 
211 N N1    . DC  B 5 ? 0.0359 0.0232 0.0329 0.0038  0.0005  -0.0002 11  DC  B N1    
212 C C2    . DC  B 5 ? 0.0370 0.0227 0.0288 0.0037  -0.0008 -0.0001 11  DC  B C2    
213 O O2    . DC  B 5 ? 0.0473 0.0251 0.0417 0.0078  0.0141  0.0040  11  DC  B O2    
214 N N3    . DC  B 5 ? 0.0349 0.0240 0.0290 0.0016  -0.0002 -0.0006 11  DC  B N3    
215 C C4    . DC  B 5 ? 0.0333 0.0283 0.0277 -0.0025 -0.0034 -0.0023 11  DC  B C4    
216 N N4    . DC  B 5 ? 0.0426 0.0317 0.0344 -0.0043 0.0037  0.0014  11  DC  B N4    
217 C C5    . DC  B 5 ? 0.0350 0.0308 0.0345 0.0005  0.0027  -0.0045 11  DC  B C5    
218 C C6    . DC  B 5 ? 0.0344 0.0288 0.0397 0.0039  0.0008  -0.0033 11  DC  B C6    
219 P P     . DG  B 6 ? 0.0409 0.0409 0.0536 -0.0038 0.0104  0.0013  12  DG  B P     
220 O OP1   . DG  B 6 ? 0.0588 0.0553 0.0622 -0.0227 0.0048  0.0037  12  DG  B OP1   
221 O OP2   . DG  B 6 ? 0.0509 0.0714 0.0629 0.0030  0.0202  0.0002  12  DG  B OP2   
222 O "O5'" . DG  B 6 ? 0.0510 0.0292 0.0544 0.0001  0.0103  -0.0019 12  DG  B "O5'" 
223 C "C5'" . DG  B 6 ? 0.0516 0.0289 0.0447 0.0084  0.0131  0.0009  12  DG  B "C5'" 
224 C "C4'" . DG  B 6 ? 0.0493 0.0190 0.0444 0.0058  0.0131  -0.0017 12  DG  B "C4'" 
225 O "O4'" . DG  B 6 ? 0.0466 0.0245 0.0394 -0.0013 0.0092  -0.0061 12  DG  B "O4'" 
226 C "C3'" . DG  B 6 ? 0.0612 0.0186 0.0409 0.0105  0.0117  0.0004  12  DG  B "C3'" 
227 O "O3'" . DG  B 6 ? 0.0600 0.0197 0.0515 0.0096  0.0131  0.0051  12  DG  B "O3'" 
228 C "C2'" . DG  B 6 ? 0.0632 0.0171 0.0382 0.0051  0.0011  -0.0005 12  DG  B "C2'" 
229 C "C1'" . DG  B 6 ? 0.0453 0.0175 0.0393 0.0049  0.0033  -0.0013 12  DG  B "C1'" 
230 N N9    . DG  B 6 ? 0.0391 0.0172 0.0397 0.0052  0.0030  -0.0020 12  DG  B N9    
231 C C8    . DG  B 6 ? 0.0376 0.0234 0.0454 0.0075  0.0049  -0.0021 12  DG  B C8    
232 N N7    . DG  B 6 ? 0.0345 0.0254 0.0454 0.0068  0.0035  -0.0031 12  DG  B N7    
233 C C5    . DG  B 6 ? 0.0334 0.0214 0.0357 0.0041  -0.0003 -0.0025 12  DG  B C5    
234 C C6    . DG  B 6 ? 0.0344 0.0212 0.0347 0.0026  -0.0008 -0.0025 12  DG  B C6    
235 O O6    . DG  B 6 ? 0.0416 0.0242 0.0473 0.0019  0.0071  0.0005  12  DG  B O6    
236 N N1    . DG  B 6 ? 0.0394 0.0177 0.0317 0.0039  -0.0010 -0.0027 12  DG  B N1    
237 C C2    . DG  B 6 ? 0.0407 0.0200 0.0265 0.0056  0.0000  -0.0027 12  DG  B C2    
238 N N2    . DG  B 6 ? 0.0533 0.0236 0.0331 0.0141  0.0070  -0.0014 12  DG  B N2    
239 N N3    . DG  B 6 ? 0.0424 0.0190 0.0284 0.0073  0.0014  -0.0014 12  DG  B N3    
240 C C4    . DG  B 6 ? 0.0350 0.0183 0.0320 0.0055  -0.0024 -0.0033 12  DG  B C4    
241 N N1    . SPM C . ? 0.0363 0.0298 0.0306 -0.0061 0.0052  0.0048  20  SPM A N1    
242 C C2    . SPM C . ? 0.0465 0.0310 0.0291 -0.0055 0.0047  0.0056  20  SPM A C2    
243 C C3    . SPM C . ? 0.0692 0.0319 0.0335 -0.0168 0.0005  0.0068  20  SPM A C3    
244 C C4    . SPM C . ? 0.0815 0.0349 0.0378 -0.0168 -0.0059 0.0024  20  SPM A C4    
245 N N5    . SPM C . ? 0.0877 0.0462 0.0387 -0.0218 0.0103  0.0066  20  SPM A N5    
246 C C6    . SPM C . ? 0.1110 0.0511 0.0489 0.0037  0.0078  0.0006  20  SPM A C6    
247 C C7    A SPM C . ? 0.0865 0.1011 0.1269 0.0142  0.0445  -0.0079 20  SPM A C7    
248 C C7    B SPM C . ? 0.0778 0.1119 0.0417 -0.0174 0.0000  -0.0059 20  SPM A C7    
249 C C8    A SPM C . ? 0.1549 0.1150 0.1946 0.0388  -0.0032 0.0274  20  SPM A C8    
250 C C8    B SPM C . ? 0.1005 0.0600 0.0438 -0.0176 0.0088  0.0066  20  SPM A C8    
251 C C9    A SPM C . ? 0.1434 0.1205 0.1916 0.0797  0.0001  0.0209  20  SPM A C9    
252 C C9    B SPM C . ? 0.1106 0.0555 0.0985 0.0108  0.0276  -0.0012 20  SPM A C9    
253 N N10   A SPM C . ? 0.0927 0.0373 0.1181 0.0185  0.0710  0.0346  20  SPM A N10   
254 N N10   B SPM C . ? 0.1256 0.0750 0.1317 -0.0285 0.0097  -0.0107 20  SPM A N10   
255 C C11   A SPM C . ? 0.0847 0.0506 0.1627 -0.0134 0.0634  -0.0029 20  SPM A C11   
256 C C11   B SPM C . ? 0.1493 0.1841 0.1878 0.0108  0.0016  -0.0088 20  SPM A C11   
257 C C12   A SPM C . ? 0.1426 0.2228 0.2391 0.0087  0.0015  -0.0105 20  SPM A C12   
258 C C12   B SPM C . ? 0.1735 0.2081 0.1971 0.0111  -0.0187 -0.0001 20  SPM A C12   
259 C C13   A SPM C . ? 0.2619 0.2214 0.1887 0.0176  0.0025  0.0337  20  SPM A C13   
260 C C13   B SPM C . ? 0.1746 0.2142 0.2479 -0.0111 -0.0262 -0.0181 20  SPM A C13   
261 N N14   A SPM C . ? 0.3280 0.3097 0.3035 -0.0463 -0.0506 -0.0109 20  SPM A N14   
262 N N14   B SPM C . ? 0.2137 0.1062 0.2256 -0.0392 0.0775  0.0005  20  SPM A N14   
263 O O     . HOH D . ? 0.0380 0.0321 0.0435 -0.0058 0.0048  0.0033  103 HOH A O     
264 O O     . HOH D . ? 0.0376 0.0312 0.0539 -0.0030 0.0026  -0.0057 107 HOH A O     
265 O O     . HOH D . ? 0.0500 0.0383 0.0352 -0.0093 0.0007  0.0023  109 HOH A O     
266 O O     . HOH D . ? 0.0554 0.0327 0.0458 -0.0068 -0.0063 0.0019  111 HOH A O     
267 O O     . HOH D . ? 0.0380 0.0280 0.0397 0.0007  0.0126  0.0003  112 HOH A O     
268 O O     . HOH D . ? 0.0475 0.0308 0.0363 -0.0032 0.0138  0.0032  113 HOH A O     
269 O O     . HOH D . ? 0.1015 0.0568 0.1549 0.0004  -0.0345 0.0252  115 HOH A O     
270 O O     . HOH D . ? 0.0438 0.0709 0.1354 -0.0074 0.0011  0.0070  122 HOH A O     
271 O O     . HOH D . ? 0.0635 0.0499 0.0389 0.0195  0.0060  -0.0020 123 HOH A O     
272 O O     A HOH D . ? 0.0462 0.0207 0.0621 0.0049  0.0204  -0.0017 132 HOH A O     
273 O O     B HOH D . ? 0.2809 0.0466 0.1939 0.0657  0.1999  0.0631  132 HOH A O     
274 O O     A HOH D . ? 0.0463 0.0210 0.0333 -0.0071 0.0017  0.0019  134 HOH A O     
275 O O     B HOH D . ? 0.3160 0.0576 0.0786 -0.0473 0.0797  -0.0302 134 HOH A O     
276 O O     A HOH D . ? 0.1953 0.2050 0.0731 -0.1125 0.0338  -0.0129 135 HOH A O     
277 O O     B HOH D . ? 0.0525 0.0610 0.0602 -0.0028 0.0136  0.0239  135 HOH A O     
278 O O     A HOH D . ? 0.2025 0.0922 0.2640 0.0221  0.0869  0.0670  136 HOH A O     
279 O O     B HOH D . ? 0.1391 0.1057 0.1384 -0.0719 -0.0519 0.0618  136 HOH A O     
280 O O     A HOH D . ? 0.0543 0.0595 0.0962 0.0023  -0.0146 -0.0379 137 HOH A O     
281 O O     B HOH D . ? 0.0675 0.0913 0.3340 -0.0015 -0.0287 -0.0976 137 HOH A O     
282 O O     . HOH D . ? 0.0826 0.0437 0.0612 -0.0030 -0.0115 0.0049  140 HOH A O     
283 O O     . HOH D . ? 0.0660 0.0309 0.0576 -0.0082 -0.0098 0.0078  142 HOH A O     
284 O O     . HOH D . ? 0.0564 0.0600 0.1245 -0.0039 -0.0108 -0.0145 147 HOH A O     
285 O O     . HOH D . ? 0.1249 0.4861 0.2007 -0.1352 -0.0697 0.1967  148 HOH A O     
286 O O     . HOH D . ? 0.0543 0.0816 0.1235 -0.0278 0.0264  -0.0307 149 HOH A O     
287 O O     . HOH D . ? 0.0834 0.0794 0.2522 -0.0007 -0.0196 0.0860  152 HOH A O     
288 O O     . HOH D . ? 0.0612 0.2737 0.1306 -0.0573 -0.0331 0.0825  153 HOH A O     
289 O O     . HOH D . ? 0.1000 0.0889 0.0833 -0.0609 0.0394  -0.0519 158 HOH A O     
290 O O     . HOH D . ? 0.1050 0.0782 0.0600 0.0395  0.0271  0.0252  159 HOH A O     
291 O O     . HOH D . ? 0.1907 0.3242 0.5512 -0.0087 0.2131  -0.1113 160 HOH A O     
292 O O     . HOH D . ? 0.2446 0.1601 0.0935 -0.1316 -0.0841 0.0222  162 HOH A O     
293 O O     . HOH D . ? 0.3330 0.2779 0.2190 0.1676  0.1819  0.0664  163 HOH A O     
294 O O     . HOH D . ? 0.1215 0.0979 0.0992 -0.0121 0.0346  -0.0539 166 HOH A O     
295 O O     . HOH D . ? 0.0716 0.0630 0.1902 -0.0087 0.0017  -0.0368 167 HOH A O     
296 O O     . HOH D . ? 0.0760 0.0776 0.0665 0.0287  -0.0104 -0.0114 170 HOH A O     
297 O O     . HOH D . ? 0.2467 0.1550 0.0789 -0.0674 -0.0269 -0.0254 171 HOH A O     
298 O O     . HOH D . ? 0.0576 0.1219 0.0568 -0.0035 -0.0101 0.0385  175 HOH A O     
299 O O     . HOH D . ? 0.0783 0.0949 0.2662 -0.0153 0.0764  -0.0474 176 HOH A O     
300 O O     . HOH D . ? 0.0676 0.0486 0.1962 0.0030  0.0284  0.0134  178 HOH A O     
301 O O     . HOH D . ? 0.1808 0.0374 0.2161 0.0037  0.1557  0.0132  179 HOH A O     
302 O O     . HOH D . ? 0.1047 0.0418 0.0856 -0.0104 0.0080  0.0037  184 HOH A O     
303 O O     . HOH D . ? 0.0585 0.0912 0.1428 -0.0203 -0.0262 0.0667  185 HOH A O     
304 O O     . HOH D . ? 0.1051 0.0596 0.0360 -0.0043 0.0227  -0.0039 186 HOH A O     
305 O O     . HOH D . ? 0.7660 0.7778 0.4962 0.5914  -0.4707 -0.4773 187 HOH A O     
306 O O     . HOH D . ? 0.0635 0.0684 0.0690 -0.0213 0.0372  -0.0045 189 HOH A O     
307 O O     . HOH D . ? 0.0932 0.1010 0.0783 0.0328  0.0142  -0.0152 191 HOH A O     
308 O O     . HOH D . ? 0.0267 0.0476 0.0349 0.0050  0.0032  -0.0076 195 HOH A O     
309 O O     . HOH D . ? 0.0381 0.0630 0.0555 -0.0087 0.0061  0.0007  196 HOH A O     
310 O O     . HOH D . ? 0.0331 0.0756 0.1026 0.0183  0.0065  0.0473  197 HOH A O     
311 O O     . HOH D . ? 0.0980 0.0797 0.0859 -0.0129 -0.0269 0.0100  199 HOH A O     
312 O O     . HOH D . ? 0.0560 0.0723 0.1199 -0.0187 -0.0416 0.0539  201 HOH A O     
313 O O     . HOH D . ? 0.0782 0.0457 0.0449 0.0162  -0.0043 0.0045  202 HOH A O     
314 O O     . HOH D . ? 0.1177 0.2275 0.2504 0.0270  0.0487  -0.0218 205 HOH A O     
315 O O     . HOH D . ? 0.1160 0.1764 0.1241 -0.0789 0.0677  -0.0597 206 HOH A O     
316 O O     . HOH D . ? 0.4300 0.4016 0.1667 -0.1231 0.0314  0.1401  207 HOH A O     
317 O O     . HOH D . ? 0.0094 0.0322 0.0256 0.0020  0.0049  -0.0034 208 HOH A O     
318 O O     . HOH D . ? 0.4236 0.1916 0.1801 -0.0947 0.0040  0.1080  210 HOH A O     
319 O O     . HOH D . ? 0.0415 0.0292 0.0770 0.0008  0.0106  -0.0053 219 HOH A O     
320 O O     . HOH D . ? 0.1270 0.0487 0.0474 -0.0082 0.0028  -0.0140 220 HOH A O     
321 O O     . HOH D . ? 0.0323 0.1092 0.1021 -0.0022 -0.0277 0.0630  221 HOH A O     
322 O O     . HOH D . ? 0.0492 0.1510 0.0539 -0.0066 -0.0065 -0.0521 222 HOH A O     
323 O O     . HOH D . ? 0.1765 0.0927 0.1197 -0.0347 -0.0025 0.0235  224 HOH A O     
324 O O     . HOH D . ? 0.0495 0.0339 0.0457 0.0008  0.0187  -0.0004 225 HOH A O     
325 O O     . HOH D . ? 0.0346 0.0908 0.0567 -0.0032 0.0123  -0.0207 226 HOH A O     
326 O O     . HOH D . ? 0.0403 0.1716 0.1705 0.0090  0.0262  -0.0263 229 HOH A O     
327 O O     . HOH D . ? 0.0522 0.0763 0.3166 0.0180  0.0401  -0.0099 230 HOH A O     
328 O O     . HOH D . ? 0.2984 0.3624 0.0601 0.2622  0.0339  0.0209  231 HOH A O     
329 O O     . HOH D . ? 0.0666 0.0432 0.0898 0.0201  -0.0394 -0.0255 232 HOH A O     
330 O O     . HOH D . ? 0.0222 0.0469 0.0306 0.0078  0.0156  0.0115  233 HOH A O     
331 O O     . HOH E . ? 0.0432 0.0286 0.0441 -0.0004 0.0157  -0.0040 101 HOH B O     
332 O O     . HOH E . ? 0.0667 0.0377 0.0510 -0.0062 0.0133  -0.0044 102 HOH B O     
333 O O     . HOH E . ? 0.0329 0.0269 0.0396 -0.0034 0.0011  0.0033  104 HOH B O     
334 O O     . HOH E . ? 0.0244 0.0289 0.0302 -0.0049 0.0053  0.0008  105 HOH B O     
335 O O     . HOH E . ? 0.0887 0.0371 0.0469 0.0076  0.0133  0.0015  106 HOH B O     
336 O O     . HOH E . ? 0.0330 0.0283 0.0346 -0.0043 0.0066  0.0007  108 HOH B O     
337 O O     . HOH E . ? 0.0261 0.0570 0.0436 -0.0044 0.0005  0.0075  110 HOH B O     
338 O O     . HOH E . ? 0.0353 0.0580 0.0626 0.0078  0.0005  -0.0203 114 HOH B O     
339 O O     . HOH E . ? 0.0473 0.0454 0.0597 0.0036  0.0087  0.0041  116 HOH B O     
340 O O     . HOH E . ? 0.0469 0.0486 0.0683 0.0105  -0.0091 0.0114  117 HOH B O     
341 O O     . HOH E . ? 0.0386 0.0449 0.0896 -0.0124 -0.0066 0.0219  118 HOH B O     
342 O O     . HOH E . ? 0.0979 0.1211 0.0540 -0.0137 -0.0034 0.0254  119 HOH B O     
343 O O     . HOH E . ? 0.0510 0.0975 0.0709 0.0066  0.0018  0.0122  120 HOH B O     
344 O O     . HOH E . ? 0.0472 0.0422 0.0456 0.0044  0.0153  0.0112  121 HOH B O     
345 O O     . HOH E . ? 0.0533 0.0346 0.0476 0.0091  0.0105  -0.0044 124 HOH B O     
346 O O     . HOH E . ? 0.0490 0.0388 0.0577 -0.0056 0.0015  0.0073  125 HOH B O     
347 O O     . HOH E . ? 0.0527 0.0488 0.0672 0.0036  0.0118  -0.0070 126 HOH B O     
348 O O     A HOH E . ? 0.0456 0.0425 0.0819 0.0004  -0.0019 0.0027  127 HOH B O     
349 O O     B HOH E . ? 0.0737 0.0464 0.0698 0.0041  -0.0006 0.0019  127 HOH B O     
350 O O     A HOH E . ? 0.0976 0.0877 0.0888 -0.0183 -0.0151 0.0295  128 HOH B O     
351 O O     B HOH E . ? 0.0650 0.0423 0.0684 -0.0139 -0.0195 0.0148  128 HOH B O     
352 O O     A HOH E . ? 0.0366 0.0451 0.0393 0.0042  0.0032  0.0050  129 HOH B O     
353 O O     B HOH E . ? 0.0509 0.1343 0.3195 0.0257  0.0060  0.0843  129 HOH B O     
354 O O     A HOH E . ? 0.0774 0.0611 0.0910 -0.0023 0.0000  0.0259  130 HOH B O     
355 O O     B HOH E . ? 0.2289 0.0662 0.0721 -0.0663 0.0782  -0.0248 130 HOH B O     
356 O O     A HOH E . ? 0.0816 0.1027 0.0796 0.0320  -0.0032 -0.0433 131 HOH B O     
357 O O     B HOH E . ? 0.0802 0.0667 0.0731 0.0265  0.0168  -0.0085 131 HOH B O     
358 O O     A HOH E . ? 0.0525 0.0350 0.0600 -0.0014 0.0144  0.0162  133 HOH B O     
359 O O     B HOH E . ? 0.0401 0.0292 0.0381 0.0021  0.0052  0.0149  133 HOH B O     
360 O O     A HOH E . ? 0.1030 0.3019 0.0958 -0.0641 -0.0023 0.0839  138 HOH B O     
361 O O     B HOH E . ? 0.0410 0.0330 0.0511 -0.0080 0.0177  -0.0087 138 HOH B O     
362 O O     A HOH E . ? 0.1456 0.0511 0.1815 -0.0223 0.0721  -0.0295 139 HOH B O     
363 O O     B HOH E . ? 0.0825 0.0595 0.0429 -0.0270 0.0048  0.0156  139 HOH B O     
364 O O     . HOH E . ? 0.0487 0.1293 0.1354 0.0126  0.0273  -0.0185 141 HOH B O     
365 O O     . HOH E . ? 0.0808 0.0430 0.0637 0.0091  0.0306  -0.0097 144 HOH B O     
366 O O     . HOH E . ? 0.1013 0.2459 0.0614 0.1137  -0.0123 -0.0081 145 HOH B O     
367 O O     . HOH E . ? 0.0908 0.0737 0.1273 -0.0260 0.0085  0.0041  146 HOH B O     
368 O O     . HOH E . ? 0.0569 0.0522 0.0862 -0.0103 0.0405  -0.0192 150 HOH B O     
369 O O     . HOH E . ? 0.2582 0.2870 0.1636 0.2225  -0.1483 -0.1598 151 HOH B O     
370 O O     . HOH E . ? 0.1041 0.1479 0.1752 -0.0138 -0.0122 0.0940  154 HOH B O     
371 O O     . HOH E . ? 0.3970 0.0801 0.1190 -0.1119 -0.1132 0.0292  155 HOH B O     
372 O O     . HOH E . ? 0.0887 0.2631 0.2011 0.0245  0.0531  -0.0646 156 HOH B O     
373 O O     . HOH E . ? 0.1302 0.0643 0.1015 -0.0631 -0.0527 0.0478  157 HOH B O     
374 O O     . HOH E . ? 0.4710 0.2049 0.0790 0.2228  -0.1254 -0.0815 161 HOH B O     
375 O O     . HOH E . ? 0.1177 0.1082 0.2259 -0.0242 -0.0513 0.0856  164 HOH B O     
376 O O     . HOH E . ? 0.4193 0.1438 0.1335 -0.0045 0.1857  -0.0281 165 HOH B O     
377 O O     . HOH E . ? 0.0650 0.2010 0.1964 -0.0669 0.0718  -0.1564 168 HOH B O     
378 O O     . HOH E . ? 0.0877 0.0752 0.0539 -0.0471 -0.0142 0.0074  169 HOH B O     
379 O O     . HOH E . ? 0.0695 0.0462 0.0419 0.0042  0.0218  -0.0050 172 HOH B O     
380 O O     . HOH E . ? 0.0663 0.1256 0.0451 -0.0268 0.0204  -0.0055 173 HOH B O     
381 O O     . HOH E . ? 0.0544 0.0998 0.0804 0.0032  0.0027  0.0299  174 HOH B O     
382 O O     . HOH E . ? 0.0643 0.0879 0.0643 -0.0099 0.0270  -0.0270 177 HOH B O     
383 O O     . HOH E . ? 0.0545 0.2005 0.2284 -0.0294 -0.0142 0.1340  180 HOH B O     
384 O O     . HOH E . ? 0.0152 0.0225 0.0027 0.0147  -0.0092 -0.0062 181 HOH B O     
385 O O     . HOH E . ? 0.0571 0.1664 0.0720 0.0475  -0.0149 -0.0736 182 HOH B O     
386 O O     . HOH E . ? 0.1395 0.0665 0.2391 -0.0439 -0.1080 0.1015  183 HOH B O     
387 O O     . HOH E . ? 0.0402 0.0267 0.0488 -0.0005 0.0166  -0.0044 188 HOH B O     
388 O O     . HOH E . ? 0.0760 0.1125 0.0790 -0.0580 0.0095  0.0004  190 HOH B O     
389 O O     . HOH E . ? 0.0798 0.2020 0.1756 -0.0406 0.0447  0.0002  192 HOH B O     
390 O O     . HOH E . ? 0.0563 0.0806 0.0648 -0.0033 0.0133  -0.0114 193 HOH B O     
391 O O     . HOH E . ? 0.0594 0.2056 0.1256 0.0616  -0.0018 0.0338  194 HOH B O     
392 O O     . HOH E . ? 0.0634 0.1027 0.0441 0.0208  0.0181  0.0298  198 HOH B O     
393 O O     . HOH E . ? 0.0187 0.0620 0.0454 0.0037  0.0120  0.0292  200 HOH B O     
394 O O     . HOH E . ? 0.1935 0.0689 0.0723 0.0856  0.0938  0.0457  203 HOH B O     
395 O O     . HOH E . ? 0.0472 0.0440 0.0506 0.0055  0.0072  0.0245  204 HOH B O     
396 O O     . HOH E . ? 0.3832 0.0856 0.2569 0.0501  0.2466  0.0748  209 HOH B O     
397 O O     . HOH E . ? 0.0556 0.0915 0.0601 0.0079  -0.0078 0.0071  212 HOH B O     
398 O O     . HOH E . ? 0.0851 0.0386 0.0615 0.0000  -0.0126 -0.0008 214 HOH B O     
399 O O     . HOH E . ? 0.0395 0.0498 0.0405 -0.0015 -0.0087 -0.0143 217 HOH B O     
400 O O     . HOH E . ? 0.1611 0.3816 0.1218 -0.1286 -0.0320 0.0305  218 HOH B O     
401 O O     . HOH E . ? 0.3480 0.3475 0.7313 0.1262  0.1248  -0.0535 228 HOH B O     
402 O O     . HOH E . ? 0.5087 0.0421 0.0662 0.0354  -0.0756 0.0147  234 HOH B O     
403 O O     . HOH E . ? 0.0896 0.0613 0.0419 0.0063  -0.0036 0.0092  235 HOH B O     
# 
loop_
_pdbx_poly_seq_scheme.asym_id 
_pdbx_poly_seq_scheme.entity_id 
_pdbx_poly_seq_scheme.seq_id 
_pdbx_poly_seq_scheme.mon_id 
_pdbx_poly_seq_scheme.ndb_seq_num 
_pdbx_poly_seq_scheme.pdb_seq_num 
_pdbx_poly_seq_scheme.auth_seq_num 
_pdbx_poly_seq_scheme.pdb_mon_id 
_pdbx_poly_seq_scheme.auth_mon_id 
_pdbx_poly_seq_scheme.pdb_strand_id 
_pdbx_poly_seq_scheme.pdb_ins_code 
_pdbx_poly_seq_scheme.hetero 
A 1 1 DC 1 1  1  DC DC A . n 
A 1 2 DG 2 2  2  DG DG A . n 
A 1 3 DC 3 3  3  DC DC A . n 
A 1 4 DG 4 4  4  DG DG A . n 
A 1 5 DC 5 5  5  DC DC A . n 
A 1 6 DG 6 6  6  DG DG A . n 
B 1 1 DC 1 7  7  DC DC B . n 
B 1 2 DG 2 8  8  DG DG B . n 
B 1 3 DC 3 9  9  DC DC B . n 
B 1 4 DG 4 10 10 DG DG B . n 
B 1 5 DC 5 11 11 DC DC B . n 
B 1 6 DG 6 12 12 DG DG B . n 
# 
loop_
_pdbx_nonpoly_scheme.asym_id 
_pdbx_nonpoly_scheme.entity_id 
_pdbx_nonpoly_scheme.mon_id 
_pdbx_nonpoly_scheme.ndb_seq_num 
_pdbx_nonpoly_scheme.pdb_seq_num 
_pdbx_nonpoly_scheme.auth_seq_num 
_pdbx_nonpoly_scheme.pdb_mon_id 
_pdbx_nonpoly_scheme.auth_mon_id 
_pdbx_nonpoly_scheme.pdb_strand_id 
_pdbx_nonpoly_scheme.pdb_ins_code 
C 2 SPM 1  20  20  SPM SPM A . 
D 3 HOH 1  103 103 HOH HOH A . 
D 3 HOH 2  107 107 HOH HOH A . 
D 3 HOH 3  109 109 HOH HOH A . 
D 3 HOH 4  111 111 HOH HOH A . 
D 3 HOH 5  112 112 HOH HOH A . 
D 3 HOH 6  113 113 HOH HOH A . 
D 3 HOH 7  115 115 HOH HOH A . 
D 3 HOH 8  122 122 HOH HOH A . 
D 3 HOH 9  123 123 HOH HOH A . 
D 3 HOH 10 132 132 HOH HOH A . 
D 3 HOH 11 134 134 HOH HOH A . 
D 3 HOH 12 135 135 HOH HOH A . 
D 3 HOH 13 136 136 HOH HOH A . 
D 3 HOH 14 137 137 HOH HOH A . 
D 3 HOH 15 140 140 HOH HOH A . 
D 3 HOH 16 142 142 HOH HOH A . 
D 3 HOH 17 147 147 HOH HOH A . 
D 3 HOH 18 148 148 HOH HOH A . 
D 3 HOH 19 149 149 HOH HOH A . 
D 3 HOH 20 152 152 HOH HOH A . 
D 3 HOH 21 153 153 HOH HOH A . 
D 3 HOH 22 158 158 HOH HOH A . 
D 3 HOH 23 159 159 HOH HOH A . 
D 3 HOH 24 160 160 HOH HOH A . 
D 3 HOH 25 162 162 HOH HOH A . 
D 3 HOH 26 163 163 HOH HOH A . 
D 3 HOH 27 166 166 HOH HOH A . 
D 3 HOH 28 167 167 HOH HOH A . 
D 3 HOH 29 170 170 HOH HOH A . 
D 3 HOH 30 171 171 HOH HOH A . 
D 3 HOH 31 175 175 HOH HOH A . 
D 3 HOH 32 176 176 HOH HOH A . 
D 3 HOH 33 178 178 HOH HOH A . 
D 3 HOH 34 179 179 HOH HOH A . 
D 3 HOH 35 184 184 HOH HOH A . 
D 3 HOH 36 185 185 HOH HOH A . 
D 3 HOH 37 186 186 HOH HOH A . 
D 3 HOH 38 187 187 HOH HOH A . 
D 3 HOH 39 189 189 HOH HOH A . 
D 3 HOH 40 191 191 HOH HOH A . 
D 3 HOH 41 195 195 HOH HOH A . 
D 3 HOH 42 196 196 HOH HOH A . 
D 3 HOH 43 197 197 HOH HOH A . 
D 3 HOH 44 199 199 HOH HOH A . 
D 3 HOH 45 201 201 HOH HOH A . 
D 3 HOH 46 202 202 HOH HOH A . 
D 3 HOH 47 205 205 HOH HOH A . 
D 3 HOH 48 206 206 HOH HOH A . 
D 3 HOH 49 207 207 HOH HOH A . 
D 3 HOH 50 208 208 HOH HOH A . 
D 3 HOH 51 210 210 HOH HOH A . 
D 3 HOH 52 219 219 HOH HOH A . 
D 3 HOH 53 220 220 HOH HOH A . 
D 3 HOH 54 221 221 HOH HOH A . 
D 3 HOH 55 222 222 HOH HOH A . 
D 3 HOH 56 224 224 HOH HOH A . 
D 3 HOH 57 225 225 HOH HOH A . 
D 3 HOH 58 226 226 HOH HOH A . 
D 3 HOH 59 229 229 HOH HOH A . 
D 3 HOH 60 230 230 HOH HOH A . 
D 3 HOH 61 231 231 HOH HOH A . 
D 3 HOH 62 232 232 HOH HOH A . 
D 3 HOH 63 233 233 HOH HOH A . 
E 3 HOH 1  101 101 HOH HOH B . 
E 3 HOH 2  102 102 HOH HOH B . 
E 3 HOH 3  104 104 HOH HOH B . 
E 3 HOH 4  105 105 HOH HOH B . 
E 3 HOH 5  106 106 HOH HOH B . 
E 3 HOH 6  108 108 HOH HOH B . 
E 3 HOH 7  110 110 HOH HOH B . 
E 3 HOH 8  114 114 HOH HOH B . 
E 3 HOH 9  116 116 HOH HOH B . 
E 3 HOH 10 117 117 HOH HOH B . 
E 3 HOH 11 118 118 HOH HOH B . 
E 3 HOH 12 119 119 HOH HOH B . 
E 3 HOH 13 120 120 HOH HOH B . 
E 3 HOH 14 121 121 HOH HOH B . 
E 3 HOH 15 124 124 HOH HOH B . 
E 3 HOH 16 125 125 HOH HOH B . 
E 3 HOH 17 126 126 HOH HOH B . 
E 3 HOH 18 127 127 HOH HOH B . 
E 3 HOH 19 128 128 HOH HOH B . 
E 3 HOH 20 129 129 HOH HOH B . 
E 3 HOH 21 130 130 HOH HOH B . 
E 3 HOH 22 131 131 HOH HOH B . 
E 3 HOH 23 133 133 HOH HOH B . 
E 3 HOH 24 138 138 HOH HOH B . 
E 3 HOH 25 139 139 HOH HOH B . 
E 3 HOH 26 141 141 HOH HOH B . 
E 3 HOH 27 144 144 HOH HOH B . 
E 3 HOH 28 145 145 HOH HOH B . 
E 3 HOH 29 146 146 HOH HOH B . 
E 3 HOH 30 150 150 HOH HOH B . 
E 3 HOH 31 151 151 HOH HOH B . 
E 3 HOH 32 154 154 HOH HOH B . 
E 3 HOH 33 155 155 HOH HOH B . 
E 3 HOH 34 156 156 HOH HOH B . 
E 3 HOH 35 157 157 HOH HOH B . 
E 3 HOH 36 161 161 HOH HOH B . 
E 3 HOH 37 164 164 HOH HOH B . 
E 3 HOH 38 165 165 HOH HOH B . 
E 3 HOH 39 168 168 HOH HOH B . 
E 3 HOH 40 169 169 HOH HOH B . 
E 3 HOH 41 172 172 HOH HOH B . 
E 3 HOH 42 173 173 HOH HOH B . 
E 3 HOH 43 174 174 HOH HOH B . 
E 3 HOH 44 177 177 HOH HOH B . 
E 3 HOH 45 180 180 HOH HOH B . 
E 3 HOH 46 181 181 HOH HOH B . 
E 3 HOH 47 182 182 HOH HOH B . 
E 3 HOH 48 183 183 HOH HOH B . 
E 3 HOH 49 188 188 HOH HOH B . 
E 3 HOH 50 190 190 HOH HOH B . 
E 3 HOH 51 192 192 HOH HOH B . 
E 3 HOH 52 193 193 HOH HOH B . 
E 3 HOH 53 194 194 HOH HOH B . 
E 3 HOH 54 198 198 HOH HOH B . 
E 3 HOH 55 200 200 HOH HOH B . 
E 3 HOH 56 203 203 HOH HOH B . 
E 3 HOH 57 204 204 HOH HOH B . 
E 3 HOH 58 209 209 HOH HOH B . 
E 3 HOH 59 212 212 HOH HOH B . 
E 3 HOH 60 214 214 HOH HOH B . 
E 3 HOH 61 217 217 HOH HOH B . 
E 3 HOH 62 218 218 HOH HOH B . 
E 3 HOH 63 228 228 HOH HOH B . 
E 3 HOH 64 234 234 HOH HOH B . 
E 3 HOH 65 235 235 HOH HOH B . 
# 
_pdbx_struct_assembly.id                   1 
_pdbx_struct_assembly.details              author_and_software_defined_assembly 
_pdbx_struct_assembly.method_details       PISA 
_pdbx_struct_assembly.oligomeric_details   dimeric 
_pdbx_struct_assembly.oligomeric_count     2 
# 
_pdbx_struct_assembly_gen.assembly_id       1 
_pdbx_struct_assembly_gen.oper_expression   1 
_pdbx_struct_assembly_gen.asym_id_list      A,B,C,D,E 
# 
loop_
_pdbx_struct_assembly_prop.biol_id 
_pdbx_struct_assembly_prop.type 
_pdbx_struct_assembly_prop.value 
_pdbx_struct_assembly_prop.details 
1 'ABSA (A^2)' 850  ? 
1 MORE         -10  ? 
1 'SSA (A^2)'  2590 ? 
# 
_pdbx_struct_oper_list.id                   1 
_pdbx_struct_oper_list.type                 'identity operation' 
_pdbx_struct_oper_list.name                 1_555 
_pdbx_struct_oper_list.symmetry_operation   x,y,z 
_pdbx_struct_oper_list.matrix[1][1]         1.0000000000 
_pdbx_struct_oper_list.matrix[1][2]         0.0000000000 
_pdbx_struct_oper_list.matrix[1][3]         0.0000000000 
_pdbx_struct_oper_list.vector[1]            0.0000000000 
_pdbx_struct_oper_list.matrix[2][1]         0.0000000000 
_pdbx_struct_oper_list.matrix[2][2]         1.0000000000 
_pdbx_struct_oper_list.matrix[2][3]         0.0000000000 
_pdbx_struct_oper_list.vector[2]            0.0000000000 
_pdbx_struct_oper_list.matrix[3][1]         0.0000000000 
_pdbx_struct_oper_list.matrix[3][2]         0.0000000000 
_pdbx_struct_oper_list.matrix[3][3]         1.0000000000 
_pdbx_struct_oper_list.vector[3]            0.0000000000 
# 
loop_
_pdbx_audit_revision_history.ordinal 
_pdbx_audit_revision_history.data_content_type 
_pdbx_audit_revision_history.major_revision 
_pdbx_audit_revision_history.minor_revision 
_pdbx_audit_revision_history.revision_date 
1 'Structure model' 1 0 2011-08-24 
2 'Structure model' 1 1 2014-04-16 
3 'Structure model' 1 2 2017-11-08 
4 'Structure model' 1 3 2023-09-06 
# 
_pdbx_audit_revision_details.ordinal             1 
_pdbx_audit_revision_details.revision_ordinal    1 
_pdbx_audit_revision_details.data_content_type   'Structure model' 
_pdbx_audit_revision_details.provider            repository 
_pdbx_audit_revision_details.type                'Initial release' 
_pdbx_audit_revision_details.description         ? 
_pdbx_audit_revision_details.details             ? 
# 
loop_
_pdbx_audit_revision_group.ordinal 
_pdbx_audit_revision_group.revision_ordinal 
_pdbx_audit_revision_group.data_content_type 
_pdbx_audit_revision_group.group 
1 2 'Structure model' 'Refinement description' 
2 3 'Structure model' 'Refinement description' 
3 4 'Structure model' 'Data collection'        
4 4 'Structure model' 'Database references'    
5 4 'Structure model' 'Derived calculations'   
6 4 'Structure model' 'Refinement description' 
# 
loop_
_pdbx_audit_revision_category.ordinal 
_pdbx_audit_revision_category.revision_ordinal 
_pdbx_audit_revision_category.data_content_type 
_pdbx_audit_revision_category.category 
1 3 'Structure model' software                      
2 4 'Structure model' chem_comp_atom                
3 4 'Structure model' chem_comp_bond                
4 4 'Structure model' database_2                    
5 4 'Structure model' pdbx_initial_refinement_model 
6 4 'Structure model' struct_site                   
# 
loop_
_pdbx_audit_revision_item.ordinal 
_pdbx_audit_revision_item.revision_ordinal 
_pdbx_audit_revision_item.data_content_type 
_pdbx_audit_revision_item.item 
1 4 'Structure model' '_database_2.pdbx_DOI'                
2 4 'Structure model' '_database_2.pdbx_database_accession' 
3 4 'Structure model' '_struct_site.pdbx_auth_asym_id'      
4 4 'Structure model' '_struct_site.pdbx_auth_comp_id'      
5 4 'Structure model' '_struct_site.pdbx_auth_seq_id'       
# 
loop_
_software.pdbx_ordinal 
_software.name 
_software.version 
_software.date 
_software.type 
_software.contact_author 
_software.contact_author_email 
_software.classification 
_software.location 
_software.language 
_software.citation_id 
1 SCALEPACK   .    ?               program 'Zbyszek Otwinowski'  hkl@hkl-xray.com             'data scaling'    
http://www.hkl-xray.com/                  ?          ? 
2 SHELX       .    ?               package 'George M. Sheldrick' gsheldr@shelx.uni-ac.gwdg.de refinement        
http://shelx.uni-ac.gwdg.de/SHELX/        Fortran_77 ? 
3 PDB_EXTRACT 3.10 'June 10, 2010' package PDB                   deposit@deposit.rcsb.org     'data extraction' 
http://sw-tools.pdb.org/apps/PDB_EXTRACT/ C++        ? 
4 HKL-2000    .    ?               ?       ?                     ?                            'data reduction'  ? ?          ? 
5 HKL-2000    .    ?               ?       ?                     ?                            'data scaling'    ? ?          ? 
6 SHELXL      .    ?               ?       ?                     ?                            refinement        ? ?          ? 
# 
loop_
_chem_comp_atom.comp_id 
_chem_comp_atom.atom_id 
_chem_comp_atom.type_symbol 
_chem_comp_atom.pdbx_aromatic_flag 
_chem_comp_atom.pdbx_stereo_config 
_chem_comp_atom.pdbx_ordinal 
DC  OP3    O N N 1   
DC  P      P N N 2   
DC  OP1    O N N 3   
DC  OP2    O N N 4   
DC  "O5'"  O N N 5   
DC  "C5'"  C N N 6   
DC  "C4'"  C N R 7   
DC  "O4'"  O N N 8   
DC  "C3'"  C N S 9   
DC  "O3'"  O N N 10  
DC  "C2'"  C N N 11  
DC  "C1'"  C N R 12  
DC  N1     N N N 13  
DC  C2     C N N 14  
DC  O2     O N N 15  
DC  N3     N N N 16  
DC  C4     C N N 17  
DC  N4     N N N 18  
DC  C5     C N N 19  
DC  C6     C N N 20  
DC  HOP3   H N N 21  
DC  HOP2   H N N 22  
DC  "H5'"  H N N 23  
DC  "H5''" H N N 24  
DC  "H4'"  H N N 25  
DC  "H3'"  H N N 26  
DC  "HO3'" H N N 27  
DC  "H2'"  H N N 28  
DC  "H2''" H N N 29  
DC  "H1'"  H N N 30  
DC  H41    H N N 31  
DC  H42    H N N 32  
DC  H5     H N N 33  
DC  H6     H N N 34  
DG  OP3    O N N 35  
DG  P      P N N 36  
DG  OP1    O N N 37  
DG  OP2    O N N 38  
DG  "O5'"  O N N 39  
DG  "C5'"  C N N 40  
DG  "C4'"  C N R 41  
DG  "O4'"  O N N 42  
DG  "C3'"  C N S 43  
DG  "O3'"  O N N 44  
DG  "C2'"  C N N 45  
DG  "C1'"  C N R 46  
DG  N9     N Y N 47  
DG  C8     C Y N 48  
DG  N7     N Y N 49  
DG  C5     C Y N 50  
DG  C6     C N N 51  
DG  O6     O N N 52  
DG  N1     N N N 53  
DG  C2     C N N 54  
DG  N2     N N N 55  
DG  N3     N N N 56  
DG  C4     C Y N 57  
DG  HOP3   H N N 58  
DG  HOP2   H N N 59  
DG  "H5'"  H N N 60  
DG  "H5''" H N N 61  
DG  "H4'"  H N N 62  
DG  "H3'"  H N N 63  
DG  "HO3'" H N N 64  
DG  "H2'"  H N N 65  
DG  "H2''" H N N 66  
DG  "H1'"  H N N 67  
DG  H8     H N N 68  
DG  H1     H N N 69  
DG  H21    H N N 70  
DG  H22    H N N 71  
HOH O      O N N 72  
HOH H1     H N N 73  
HOH H2     H N N 74  
SPM N1     N N N 75  
SPM C2     C N N 76  
SPM C3     C N N 77  
SPM C4     C N N 78  
SPM N5     N N N 79  
SPM C6     C N N 80  
SPM C7     C N N 81  
SPM C8     C N N 82  
SPM C9     C N N 83  
SPM N10    N N N 84  
SPM C11    C N N 85  
SPM C12    C N N 86  
SPM C13    C N N 87  
SPM N14    N N N 88  
SPM HN11   H N N 89  
SPM HN12   H N N 90  
SPM H21    H N N 91  
SPM H22    H N N 92  
SPM H31    H N N 93  
SPM H32    H N N 94  
SPM H41    H N N 95  
SPM H42    H N N 96  
SPM HN5    H N N 97  
SPM H61    H N N 98  
SPM H62    H N N 99  
SPM H71    H N N 100 
SPM H72    H N N 101 
SPM H81    H N N 102 
SPM H82    H N N 103 
SPM H91    H N N 104 
SPM H92    H N N 105 
SPM HN0    H N N 106 
SPM H111   H N N 107 
SPM H112   H N N 108 
SPM H121   H N N 109 
SPM H122   H N N 110 
SPM H131   H N N 111 
SPM H132   H N N 112 
SPM HN41   H N N 113 
SPM HN42   H N N 114 
# 
loop_
_chem_comp_bond.comp_id 
_chem_comp_bond.atom_id_1 
_chem_comp_bond.atom_id_2 
_chem_comp_bond.value_order 
_chem_comp_bond.pdbx_aromatic_flag 
_chem_comp_bond.pdbx_stereo_config 
_chem_comp_bond.pdbx_ordinal 
DC  OP3   P      sing N N 1   
DC  OP3   HOP3   sing N N 2   
DC  P     OP1    doub N N 3   
DC  P     OP2    sing N N 4   
DC  P     "O5'"  sing N N 5   
DC  OP2   HOP2   sing N N 6   
DC  "O5'" "C5'"  sing N N 7   
DC  "C5'" "C4'"  sing N N 8   
DC  "C5'" "H5'"  sing N N 9   
DC  "C5'" "H5''" sing N N 10  
DC  "C4'" "O4'"  sing N N 11  
DC  "C4'" "C3'"  sing N N 12  
DC  "C4'" "H4'"  sing N N 13  
DC  "O4'" "C1'"  sing N N 14  
DC  "C3'" "O3'"  sing N N 15  
DC  "C3'" "C2'"  sing N N 16  
DC  "C3'" "H3'"  sing N N 17  
DC  "O3'" "HO3'" sing N N 18  
DC  "C2'" "C1'"  sing N N 19  
DC  "C2'" "H2'"  sing N N 20  
DC  "C2'" "H2''" sing N N 21  
DC  "C1'" N1     sing N N 22  
DC  "C1'" "H1'"  sing N N 23  
DC  N1    C2     sing N N 24  
DC  N1    C6     sing N N 25  
DC  C2    O2     doub N N 26  
DC  C2    N3     sing N N 27  
DC  N3    C4     doub N N 28  
DC  C4    N4     sing N N 29  
DC  C4    C5     sing N N 30  
DC  N4    H41    sing N N 31  
DC  N4    H42    sing N N 32  
DC  C5    C6     doub N N 33  
DC  C5    H5     sing N N 34  
DC  C6    H6     sing N N 35  
DG  OP3   P      sing N N 36  
DG  OP3   HOP3   sing N N 37  
DG  P     OP1    doub N N 38  
DG  P     OP2    sing N N 39  
DG  P     "O5'"  sing N N 40  
DG  OP2   HOP2   sing N N 41  
DG  "O5'" "C5'"  sing N N 42  
DG  "C5'" "C4'"  sing N N 43  
DG  "C5'" "H5'"  sing N N 44  
DG  "C5'" "H5''" sing N N 45  
DG  "C4'" "O4'"  sing N N 46  
DG  "C4'" "C3'"  sing N N 47  
DG  "C4'" "H4'"  sing N N 48  
DG  "O4'" "C1'"  sing N N 49  
DG  "C3'" "O3'"  sing N N 50  
DG  "C3'" "C2'"  sing N N 51  
DG  "C3'" "H3'"  sing N N 52  
DG  "O3'" "HO3'" sing N N 53  
DG  "C2'" "C1'"  sing N N 54  
DG  "C2'" "H2'"  sing N N 55  
DG  "C2'" "H2''" sing N N 56  
DG  "C1'" N9     sing N N 57  
DG  "C1'" "H1'"  sing N N 58  
DG  N9    C8     sing Y N 59  
DG  N9    C4     sing Y N 60  
DG  C8    N7     doub Y N 61  
DG  C8    H8     sing N N 62  
DG  N7    C5     sing Y N 63  
DG  C5    C6     sing N N 64  
DG  C5    C4     doub Y N 65  
DG  C6    O6     doub N N 66  
DG  C6    N1     sing N N 67  
DG  N1    C2     sing N N 68  
DG  N1    H1     sing N N 69  
DG  C2    N2     sing N N 70  
DG  C2    N3     doub N N 71  
DG  N2    H21    sing N N 72  
DG  N2    H22    sing N N 73  
DG  N3    C4     sing N N 74  
HOH O     H1     sing N N 75  
HOH O     H2     sing N N 76  
SPM N1    C2     sing N N 77  
SPM N1    HN11   sing N N 78  
SPM N1    HN12   sing N N 79  
SPM C2    C3     sing N N 80  
SPM C2    H21    sing N N 81  
SPM C2    H22    sing N N 82  
SPM C3    C4     sing N N 83  
SPM C3    H31    sing N N 84  
SPM C3    H32    sing N N 85  
SPM C4    N5     sing N N 86  
SPM C4    H41    sing N N 87  
SPM C4    H42    sing N N 88  
SPM N5    C6     sing N N 89  
SPM N5    HN5    sing N N 90  
SPM C6    C7     sing N N 91  
SPM C6    H61    sing N N 92  
SPM C6    H62    sing N N 93  
SPM C7    C8     sing N N 94  
SPM C7    H71    sing N N 95  
SPM C7    H72    sing N N 96  
SPM C8    C9     sing N N 97  
SPM C8    H81    sing N N 98  
SPM C8    H82    sing N N 99  
SPM C9    N10    sing N N 100 
SPM C9    H91    sing N N 101 
SPM C9    H92    sing N N 102 
SPM N10   C11    sing N N 103 
SPM N10   HN0    sing N N 104 
SPM C11   C12    sing N N 105 
SPM C11   H111   sing N N 106 
SPM C11   H112   sing N N 107 
SPM C12   C13    sing N N 108 
SPM C12   H121   sing N N 109 
SPM C12   H122   sing N N 110 
SPM C13   N14    sing N N 111 
SPM C13   H131   sing N N 112 
SPM C13   H132   sing N N 113 
SPM N14   HN41   sing N N 114 
SPM N14   HN42   sing N N 115 
# 
_ndb_struct_conf_na.entry_id   3P4J 
_ndb_struct_conf_na.feature    'z-form double helix' 
# 
loop_
_ndb_struct_na_base_pair.model_number 
_ndb_struct_na_base_pair.i_label_asym_id 
_ndb_struct_na_base_pair.i_label_comp_id 
_ndb_struct_na_base_pair.i_label_seq_id 
_ndb_struct_na_base_pair.i_symmetry 
_ndb_struct_na_base_pair.j_label_asym_id 
_ndb_struct_na_base_pair.j_label_comp_id 
_ndb_struct_na_base_pair.j_label_seq_id 
_ndb_struct_na_base_pair.j_symmetry 
_ndb_struct_na_base_pair.shear 
_ndb_struct_na_base_pair.stretch 
_ndb_struct_na_base_pair.stagger 
_ndb_struct_na_base_pair.buckle 
_ndb_struct_na_base_pair.propeller 
_ndb_struct_na_base_pair.opening 
_ndb_struct_na_base_pair.pair_number 
_ndb_struct_na_base_pair.pair_name 
_ndb_struct_na_base_pair.i_auth_asym_id 
_ndb_struct_na_base_pair.i_auth_seq_id 
_ndb_struct_na_base_pair.i_PDB_ins_code 
_ndb_struct_na_base_pair.j_auth_asym_id 
_ndb_struct_na_base_pair.j_auth_seq_id 
_ndb_struct_na_base_pair.j_PDB_ins_code 
_ndb_struct_na_base_pair.hbond_type_28 
_ndb_struct_na_base_pair.hbond_type_12 
1 A DC 1 1_555 B DG 6 1_555 -0.272 -0.121 0.196  2.304  0.207  1.035 1 A_DC1:DG12_B A 1 ? B 12 ? 19 1 
1 A DG 2 1_555 B DC 5 1_555 0.267  -0.124 -0.053 -5.808 -0.381 1.393 2 A_DG2:DC11_B A 2 ? B 11 ? 19 1 
1 A DC 3 1_555 B DG 4 1_555 -0.237 -0.146 0.016  2.784  -3.575 2.357 3 A_DC3:DG10_B A 3 ? B 10 ? 19 1 
1 A DG 4 1_555 B DC 3 1_555 0.202  -0.128 0.087  -6.230 -2.163 2.187 4 A_DG4:DC9_B  A 4 ? B 9  ? 19 1 
1 A DC 5 1_555 B DG 2 1_555 -0.163 -0.122 -0.050 1.832  -1.825 2.761 5 A_DC5:DG8_B  A 5 ? B 8  ? 19 1 
1 A DG 6 1_555 B DC 1 1_555 0.315  -0.171 0.196  5.841  5.590  2.719 6 A_DG6:DC7_B  A 6 ? B 7  ? 19 1 
# 
loop_
_ndb_struct_na_base_pair_step.model_number 
_ndb_struct_na_base_pair_step.i_label_asym_id_1 
_ndb_struct_na_base_pair_step.i_label_comp_id_1 
_ndb_struct_na_base_pair_step.i_label_seq_id_1 
_ndb_struct_na_base_pair_step.i_symmetry_1 
_ndb_struct_na_base_pair_step.j_label_asym_id_1 
_ndb_struct_na_base_pair_step.j_label_comp_id_1 
_ndb_struct_na_base_pair_step.j_label_seq_id_1 
_ndb_struct_na_base_pair_step.j_symmetry_1 
_ndb_struct_na_base_pair_step.i_label_asym_id_2 
_ndb_struct_na_base_pair_step.i_label_comp_id_2 
_ndb_struct_na_base_pair_step.i_label_seq_id_2 
_ndb_struct_na_base_pair_step.i_symmetry_2 
_ndb_struct_na_base_pair_step.j_label_asym_id_2 
_ndb_struct_na_base_pair_step.j_label_comp_id_2 
_ndb_struct_na_base_pair_step.j_label_seq_id_2 
_ndb_struct_na_base_pair_step.j_symmetry_2 
_ndb_struct_na_base_pair_step.shift 
_ndb_struct_na_base_pair_step.slide 
_ndb_struct_na_base_pair_step.rise 
_ndb_struct_na_base_pair_step.tilt 
_ndb_struct_na_base_pair_step.roll 
_ndb_struct_na_base_pair_step.twist 
_ndb_struct_na_base_pair_step.x_displacement 
_ndb_struct_na_base_pair_step.y_displacement 
_ndb_struct_na_base_pair_step.helical_rise 
_ndb_struct_na_base_pair_step.inclination 
_ndb_struct_na_base_pair_step.tip 
_ndb_struct_na_base_pair_step.helical_twist 
_ndb_struct_na_base_pair_step.step_number 
_ndb_struct_na_base_pair_step.step_name 
_ndb_struct_na_base_pair_step.i_auth_asym_id_1 
_ndb_struct_na_base_pair_step.i_auth_seq_id_1 
_ndb_struct_na_base_pair_step.i_PDB_ins_code_1 
_ndb_struct_na_base_pair_step.j_auth_asym_id_1 
_ndb_struct_na_base_pair_step.j_auth_seq_id_1 
_ndb_struct_na_base_pair_step.j_PDB_ins_code_1 
_ndb_struct_na_base_pair_step.i_auth_asym_id_2 
_ndb_struct_na_base_pair_step.i_auth_seq_id_2 
_ndb_struct_na_base_pair_step.i_PDB_ins_code_2 
_ndb_struct_na_base_pair_step.j_auth_asym_id_2 
_ndb_struct_na_base_pair_step.j_auth_seq_id_2 
_ndb_struct_na_base_pair_step.j_PDB_ins_code_2 
1 A DC 1 1_555 B DG 6 1_555 A DG 2 1_555 B DC 5 1_555 0.091  5.335  3.654 1.071  -1.701 -6.704  -35.135 6.136  4.782 14.137 8.895  
-6.998  1 AA_DC1DG2:DC11DG12_BB A 1 ? B 12 ? A 2 ? B 11 ? 
1 A DG 2 1_555 B DC 5 1_555 A DC 3 1_555 B DG 4 1_555 -0.057 -1.105 3.231 -0.239 -7.320 -50.973 1.755   -0.082 3.056 8.455  -0.276 
-51.462 2 AA_DG2DC3:DG10DC11_BB A 2 ? B 11 ? A 3 ? B 10 ? 
1 A DC 3 1_555 B DG 4 1_555 A DG 4 1_555 B DC 3 1_555 -0.037 5.442  3.704 -0.789 -3.037 -5.833  -27.175 -5.503 5.752 27.381 -7.118 
-6.623  3 AA_DC3DG4:DC9DG10_BB  A 3 ? B 10 ? A 4 ? B 9  ? 
1 A DG 4 1_555 B DC 3 1_555 A DC 5 1_555 B DG 2 1_555 -0.190 -0.892 3.297 0.857  -1.641 -54.187 1.080   -0.156 3.273 1.801  0.941  
-54.217 4 AA_DG4DC5:DG8DC9_BB   A 4 ? B 9  ? A 5 ? B 8  ? 
1 A DC 5 1_555 B DG 2 1_555 A DG 6 1_555 B DC 1 1_555 0.201  5.096  3.350 2.404  -2.471 -6.951  -27.853 11.028 4.561 18.921 18.414 
-7.758  5 AA_DC5DG6:DC7DG8_BB   A 5 ? B 8  ? A 6 ? B 7  ? 
# 
loop_
_pdbx_entity_nonpoly.entity_id 
_pdbx_entity_nonpoly.name 
_pdbx_entity_nonpoly.comp_id 
2 SPERMINE SPM 
3 water    HOH 
# 
_pdbx_initial_refinement_model.id               1 
_pdbx_initial_refinement_model.entity_id_list   ? 
_pdbx_initial_refinement_model.type             'experimental model' 
_pdbx_initial_refinement_model.source_name      PDB 
_pdbx_initial_refinement_model.accession_code   1ICK 
_pdbx_initial_refinement_model.details          'PDB ENTRY 1ICK' 
# 
